data_4OMF
#
_entry.id   4OMF
#
_cell.length_a   233.160
_cell.length_b   233.160
_cell.length_c   233.160
_cell.angle_alpha   90.00
_cell.angle_beta   90.00
_cell.angle_gamma   90.00
#
_symmetry.space_group_name_H-M   'F 2 3'
#
loop_
_entity.id
_entity.type
_entity.pdbx_description
1 polymer 'F420-reducing hydrogenase, subunit gamma'
2 polymer 'F420-reducing hydrogenase, subunit alpha'
3 polymer 'F420-reducing hydrogenase, subunit beta'
4 non-polymer 'IRON/SULFUR CLUSTER'
5 non-polymer zinc(II)hydrogensulfide
6 non-polymer 'UNKNOWN LIGAND'
7 non-polymer 'MAGNESIUM ION'
8 non-polymer formyl[bis(hydrocyanato-1kappaC)]ironnickel(Fe-Ni)
9 non-polymer 'CHLORIDE ION'
10 non-polymer N,N-dimethylmethanamine
11 non-polymer 'FLAVIN-ADENINE DINUCLEOTIDE'
12 water water
#
loop_
_entity_poly.entity_id
_entity_poly.type
_entity_poly.pdbx_seq_one_letter_code
_entity_poly.pdbx_strand_id
1 'polypeptide(L)'
;MSLIARIKRFLGLEAEAKREEPEKEKSEPVGASKEEVEKVAEENAKPRIGYIHLSGCTGDAMSLTENYDILAELLTNMVD
IVYGQTLVDLWEMPEMDLALVEGSVCLQDEHSLHELKELREKAKLVCAFGSCAATGCFTRYSRGGQQAQPSHESFVPIAD
LIDVDLALPGCPPSPEIIAKTVVALLNNDMDYLQPMLDLAGYTEACGCDLQTKVVNQGLCIGCGTCAMACQTRALDMTNG
RPELNSDRCIKCGICYVQCPRSWWPEEQIKKELGL
;
G
2 'polypeptide(L)'
;MSERIVISPTSRQEGHAELVMEVDDEGIVTKGRYFSITPVRGLEKMVTGKAPETAPVMVQRICGVCPIPHTLASVEAIDD
SLDIEVPKAGRLLRELTLAAHHVNSHAIHHFLIAPDFVPENLMADAINSVSEIRKNAQYVVDMVAGEGIHPSDVRIGGMA
DNITELARKRLYARLKQLKPKVNEHVELMIGLIEDKGLPEGLGVHNQPTLASHQIYGDRTKFDLDRFTEIMPESWYDDPE
IAKRACSTIPLYDGRNVEVGPRARMVEFQGFKERGVVAQHVARALEMKTALSRAIEILDELDTSAPVRADFDERGTGKLG
IGAIEAPRGLDVHMAKVENGKIQFYSALVPTTWNIPTMGPATEGFHHEYGPHVIRAYDPCLSCATHVMVVDDEDKSVIKN
EMVKI
;
A
3 'polypeptide(L)'
;MVLGTYKEIVSARSTDREIQKLAQDGGIVTGLLAYALDEGIIEGAVVAGPGEEFWKPQPMVAMSSDELKAAAGTKYTFSP
NVMMLKKAVRQYGIEKLGTVAIPCQTMGIRKMQTYPFGVRFLADKIKLLVGIYCMENFPYTSLQTFICEKLGVSMELVEK
MDIGKGKFWVYTQDDVLTLPLKETHGYEQAGCKICKDYVAELADVSTGSVGSPDGWSTVITRTDAGDSIFKQAVEAGLFE
TKPIEEVKPGLGLLEKLAAQKKEKAEKNIAARKEMGLPTPF
;
B
#
loop_
_chem_comp.id
_chem_comp.type
_chem_comp.name
_chem_comp.formula
CL non-polymer 'CHLORIDE ION' 'Cl -1'
DTZ non-polymer zinc(II)hydrogensulfide 'H2 S2 Zn'
FAD non-polymer 'FLAVIN-ADENINE DINUCLEOTIDE' 'C27 H33 N9 O15 P2'
KEN non-polymer N,N-dimethylmethanamine 'C3 H9 N'
MG non-polymer 'MAGNESIUM ION' 'Mg 2'
NFU non-polymer formyl[bis(hydrocyanato-1kappaC)]ironnickel(Fe-Ni) 'C3 H Fe N2 Ni O'
SF4 non-polymer 'IRON/SULFUR CLUSTER' 'Fe4 S4'
UNL non-polymer 'UNKNOWN LIGAND' ?
#
# COMPACT_ATOMS: atom_id res chain seq x y z
N ALA A 45 16.54 -18.51 23.10
CA ALA A 45 15.40 -17.71 23.59
C ALA A 45 14.91 -16.72 22.53
N LYS A 46 13.80 -17.06 21.89
CA LYS A 46 13.16 -16.21 20.88
C LYS A 46 12.34 -15.11 21.55
N PRO A 47 12.32 -13.91 20.95
CA PRO A 47 11.48 -12.81 21.44
C PRO A 47 10.03 -13.26 21.52
N ARG A 48 9.37 -12.93 22.63
CA ARG A 48 7.97 -13.28 22.82
C ARG A 48 7.09 -12.13 22.36
N ILE A 49 6.31 -12.37 21.31
CA ILE A 49 5.56 -11.32 20.64
C ILE A 49 4.07 -11.60 20.78
N GLY A 50 3.31 -10.56 21.10
CA GLY A 50 1.86 -10.65 21.08
C GLY A 50 1.37 -9.84 19.90
N TYR A 51 0.33 -10.33 19.24
CA TYR A 51 -0.35 -9.56 18.22
C TYR A 51 -1.76 -9.33 18.70
N ILE A 52 -2.05 -8.10 19.13
CA ILE A 52 -3.37 -7.77 19.69
C ILE A 52 -4.15 -6.89 18.75
N HIS A 53 -5.30 -7.37 18.32
CA HIS A 53 -6.15 -6.67 17.36
C HIS A 53 -7.27 -5.97 18.14
N LEU A 54 -7.27 -4.62 18.11
CA LEU A 54 -8.34 -3.82 18.72
C LEU A 54 -9.28 -3.41 17.60
N SER A 55 -9.55 -2.14 17.40
CA SER A 55 -10.45 -1.77 16.28
C SER A 55 -9.61 -1.51 15.04
N GLY A 56 -9.03 -2.61 14.52
CA GLY A 56 -8.21 -2.59 13.33
C GLY A 56 -8.95 -3.33 12.25
N CYS A 57 -8.27 -3.62 11.14
CA CYS A 57 -8.91 -4.32 10.02
C CYS A 57 -8.11 -5.60 9.68
N THR A 58 -7.06 -5.83 10.48
CA THR A 58 -6.14 -6.96 10.36
C THR A 58 -5.22 -6.84 9.14
N GLY A 59 -5.32 -5.73 8.42
CA GLY A 59 -4.42 -5.50 7.29
C GLY A 59 -2.96 -5.48 7.71
N ASP A 60 -2.68 -5.02 8.92
CA ASP A 60 -1.28 -4.98 9.36
C ASP A 60 -0.70 -6.37 9.58
N ALA A 61 -1.46 -7.22 10.23
CA ALA A 61 -1.04 -8.61 10.36
C ALA A 61 -0.88 -9.26 8.98
N MET A 62 -1.80 -8.98 8.05
CA MET A 62 -1.69 -9.53 6.70
C MET A 62 -0.39 -9.08 6.01
N SER A 63 -0.06 -7.81 6.14
CA SER A 63 1.20 -7.28 5.60
C SER A 63 2.42 -8.01 6.17
N LEU A 64 2.44 -8.23 7.48
CA LEU A 64 3.51 -8.98 8.12
C LEU A 64 3.65 -10.32 7.40
N THR A 65 2.51 -10.97 7.10
CA THR A 65 2.58 -12.31 6.56
C THR A 65 2.93 -12.31 5.07
N GLU A 66 3.00 -11.15 4.44
CA GLU A 66 3.41 -11.09 3.05
C GLU A 66 4.92 -10.92 2.91
N ASN A 67 5.67 -11.16 3.99
CA ASN A 67 7.07 -11.52 3.91
C ASN A 67 7.16 -12.99 3.54
N TYR A 68 6.87 -13.30 2.28
CA TYR A 68 6.54 -14.66 1.88
C TYR A 68 7.66 -15.65 2.14
N ASP A 69 8.86 -15.31 1.67
CA ASP A 69 9.94 -16.27 1.68
C ASP A 69 10.39 -16.63 3.07
N ILE A 70 10.35 -15.66 3.98
CA ILE A 70 10.87 -15.91 5.33
CA ILE A 70 10.88 -15.88 5.33
C ILE A 70 9.83 -16.30 6.35
N LEU A 71 8.56 -16.22 5.99
CA LEU A 71 7.48 -16.38 6.98
C LEU A 71 7.56 -17.65 7.81
N ALA A 72 7.79 -18.78 7.16
CA ALA A 72 7.83 -20.04 7.91
C ALA A 72 8.97 -20.00 8.94
N GLU A 73 10.15 -19.53 8.52
CA GLU A 73 11.31 -19.45 9.40
C GLU A 73 11.11 -18.40 10.51
N LEU A 74 10.47 -17.30 10.15
CA LEU A 74 10.15 -16.23 11.10
C LEU A 74 9.30 -16.77 12.26
N LEU A 75 8.16 -17.38 11.92
CA LEU A 75 7.22 -17.87 12.92
C LEU A 75 7.73 -19.09 13.69
N THR A 76 8.59 -19.89 13.07
CA THR A 76 8.95 -21.15 13.68
C THR A 76 10.26 -21.06 14.45
N ASN A 77 11.20 -20.22 13.98
CA ASN A 77 12.56 -20.24 14.53
C ASN A 77 13.10 -18.87 14.98
N MET A 78 12.54 -17.80 14.45
CA MET A 78 13.10 -16.47 14.74
C MET A 78 12.38 -15.80 15.91
N VAL A 79 11.05 -15.80 15.90
CA VAL A 79 10.29 -15.24 17.02
C VAL A 79 9.28 -16.25 17.51
N ASP A 80 8.69 -15.94 18.67
CA ASP A 80 7.68 -16.78 19.28
C ASP A 80 6.42 -15.96 19.46
N ILE A 81 5.40 -16.19 18.63
CA ILE A 81 4.15 -15.45 18.81
C ILE A 81 3.38 -16.15 19.93
N VAL A 82 3.31 -15.49 21.08
CA VAL A 82 2.83 -16.17 22.29
C VAL A 82 1.39 -15.82 22.64
N TYR A 83 0.85 -14.81 21.97
CA TYR A 83 -0.51 -14.35 22.28
C TYR A 83 -1.13 -13.55 21.16
N GLY A 84 -2.47 -13.64 21.07
CA GLY A 84 -3.26 -12.94 20.07
C GLY A 84 -4.11 -14.01 19.41
N GLN A 85 -5.41 -13.96 19.67
CA GLN A 85 -6.29 -15.08 19.32
C GLN A 85 -6.47 -15.20 17.81
N THR A 86 -6.13 -14.16 17.06
CA THR A 86 -6.08 -14.28 15.60
C THR A 86 -5.15 -15.43 15.19
N LEU A 87 -4.09 -15.64 15.98
CA LEU A 87 -3.03 -16.61 15.64
C LEU A 87 -2.81 -17.73 16.66
N VAL A 88 -3.20 -17.51 17.91
CA VAL A 88 -2.81 -18.41 19.00
C VAL A 88 -4.02 -18.81 19.84
N ASP A 89 -4.19 -20.10 20.13
CA ASP A 89 -5.29 -20.58 20.96
C ASP A 89 -4.94 -20.42 22.45
N LEU A 90 -5.06 -19.20 22.96
CA LEU A 90 -4.69 -18.91 24.36
C LEU A 90 -5.57 -17.78 24.86
N TRP A 91 -6.19 -17.96 26.03
CA TRP A 91 -7.13 -16.97 26.54
C TRP A 91 -6.70 -16.43 27.91
N GLU A 92 -5.45 -16.65 28.26
CA GLU A 92 -4.83 -16.02 29.42
C GLU A 92 -3.60 -15.29 28.90
N MET A 93 -3.62 -13.96 28.98
CA MET A 93 -2.51 -13.18 28.40
C MET A 93 -1.20 -13.40 29.17
N PRO A 94 -0.12 -13.77 28.45
CA PRO A 94 1.17 -14.02 29.10
C PRO A 94 2.04 -12.77 29.06
N GLU A 95 3.21 -12.84 29.67
CA GLU A 95 4.22 -11.80 29.53
C GLU A 95 4.76 -11.81 28.11
N MET A 96 5.05 -10.62 27.59
CA MET A 96 5.58 -10.43 26.23
C MET A 96 6.79 -9.52 26.25
N ASP A 97 7.71 -9.74 25.32
CA ASP A 97 8.77 -8.78 25.08
C ASP A 97 8.28 -7.64 24.20
N LEU A 98 7.38 -7.96 23.27
CA LEU A 98 6.85 -6.96 22.35
C LEU A 98 5.39 -7.22 22.04
N ALA A 99 4.56 -6.20 22.17
CA ALA A 99 3.16 -6.27 21.76
C ALA A 99 2.98 -5.44 20.51
N LEU A 100 2.53 -6.08 19.45
CA LEU A 100 2.15 -5.39 18.22
C LEU A 100 0.65 -5.13 18.31
N VAL A 101 0.27 -3.87 18.51
CA VAL A 101 -1.12 -3.55 18.79
C VAL A 101 -1.70 -2.88 17.60
N GLU A 102 -2.63 -3.57 16.96
CA GLU A 102 -3.24 -3.10 15.74
C GLU A 102 -4.62 -2.49 16.01
N GLY A 103 -4.92 -1.35 15.37
CA GLY A 103 -6.22 -0.73 15.52
C GLY A 103 -6.28 0.38 16.55
N SER A 104 -7.23 1.29 16.35
CA SER A 104 -7.54 2.29 17.36
C SER A 104 -8.37 1.62 18.46
N VAL A 105 -8.63 2.34 19.54
CA VAL A 105 -9.43 1.76 20.61
C VAL A 105 -10.73 2.55 20.76
N CYS A 106 -11.83 1.82 20.92
CA CYS A 106 -13.16 2.41 21.06
C CYS A 106 -13.43 2.73 22.51
N LEU A 107 -13.70 4.00 22.81
CA LEU A 107 -13.87 4.44 24.20
C LEU A 107 -15.14 3.84 24.83
N GLN A 108 -16.06 3.44 23.97
CA GLN A 108 -17.30 2.83 24.44
C GLN A 108 -17.27 1.29 24.49
N ASP A 109 -16.09 0.67 24.35
CA ASP A 109 -16.02 -0.79 24.47
C ASP A 109 -15.15 -1.21 25.63
N GLU A 110 -15.79 -1.65 26.71
CA GLU A 110 -15.07 -1.96 27.93
C GLU A 110 -13.99 -3.02 27.75
N HIS A 111 -14.27 -4.07 26.97
CA HIS A 111 -13.27 -5.11 26.82
C HIS A 111 -12.03 -4.61 26.09
N SER A 112 -12.21 -3.81 25.04
CA SER A 112 -11.08 -3.23 24.32
C SER A 112 -10.17 -2.44 25.28
N LEU A 113 -10.80 -1.65 26.15
CA LEU A 113 -10.05 -0.82 27.09
C LEU A 113 -9.27 -1.67 28.08
N HIS A 114 -9.86 -2.74 28.60
CA HIS A 114 -9.23 -3.64 29.57
CA HIS A 114 -8.96 -3.36 29.57
C HIS A 114 -8.08 -4.43 28.93
N GLU A 115 -8.34 -4.85 27.70
CA GLU A 115 -7.34 -5.60 26.94
C GLU A 115 -6.12 -4.72 26.69
N LEU A 116 -6.36 -3.46 26.33
CA LEU A 116 -5.26 -2.51 26.12
C LEU A 116 -4.46 -2.26 27.42
N LYS A 117 -5.19 -2.10 28.51
CA LYS A 117 -4.56 -1.91 29.81
C LYS A 117 -3.73 -3.12 30.20
N GLU A 118 -4.29 -4.31 29.98
CA GLU A 118 -3.58 -5.53 30.37
C GLU A 118 -2.31 -5.74 29.53
N LEU A 119 -2.39 -5.51 28.23
CA LEU A 119 -1.20 -5.73 27.41
C LEU A 119 -0.08 -4.73 27.78
N ARG A 120 -0.43 -3.51 28.20
CA ARG A 120 0.59 -2.56 28.64
C ARG A 120 1.30 -3.06 29.89
N GLU A 121 0.57 -3.76 30.75
CA GLU A 121 1.15 -4.30 31.97
C GLU A 121 2.08 -5.47 31.68
N LYS A 122 1.74 -6.26 30.68
CA LYS A 122 2.41 -7.53 30.44
C LYS A 122 3.48 -7.51 29.34
N ALA A 123 3.54 -6.41 28.58
CA ALA A 123 4.54 -6.30 27.49
C ALA A 123 5.62 -5.31 27.86
N LYS A 124 6.87 -5.67 27.63
CA LYS A 124 7.98 -4.73 27.89
C LYS A 124 7.94 -3.57 26.90
N LEU A 125 7.72 -3.87 25.63
CA LEU A 125 7.54 -2.84 24.60
C LEU A 125 6.18 -2.93 23.97
N VAL A 126 5.54 -1.78 23.80
CA VAL A 126 4.30 -1.69 23.02
C VAL A 126 4.56 -0.92 21.73
N CYS A 127 4.22 -1.56 20.62
CA CYS A 127 4.32 -0.95 19.32
C CYS A 127 2.93 -0.67 18.75
N ALA A 128 2.67 0.58 18.39
CA ALA A 128 1.46 0.90 17.67
C ALA A 128 1.66 0.44 16.22
N PHE A 129 0.97 -0.64 15.88
CA PHE A 129 1.15 -1.42 14.66
C PHE A 129 0.17 -0.94 13.58
N GLY A 130 0.62 -0.05 12.69
CA GLY A 130 -0.26 0.50 11.69
C GLY A 130 -0.85 1.84 12.14
N SER A 131 -1.26 2.67 11.19
CA SER A 131 -1.74 4.01 11.53
C SER A 131 -3.04 4.07 12.34
N CYS A 132 -3.92 3.07 12.30
CA CYS A 132 -5.10 3.18 13.17
C CYS A 132 -4.68 3.23 14.64
N ALA A 133 -3.75 2.37 15.01
CA ALA A 133 -3.24 2.37 16.38
C ALA A 133 -2.35 3.58 16.63
N ALA A 134 -1.61 3.99 15.62
CA ALA A 134 -0.62 5.05 15.79
C ALA A 134 -1.20 6.46 15.72
N THR A 135 -2.15 6.68 14.81
CA THR A 135 -2.70 8.03 14.57
C THR A 135 -4.21 8.09 14.54
N GLY A 136 -4.87 6.94 14.64
CA GLY A 136 -6.32 6.87 14.49
C GLY A 136 -6.70 6.56 13.06
N CYS A 137 -5.88 7.02 12.11
CA CYS A 137 -6.10 6.77 10.68
C CYS A 137 -7.56 7.05 10.32
N PHE A 138 -8.19 6.22 9.48
CA PHE A 138 -9.54 6.56 9.01
C PHE A 138 -10.62 6.46 10.10
N THR A 139 -10.33 5.82 11.23
CA THR A 139 -11.33 5.79 12.31
C THR A 139 -11.47 7.17 12.96
N ARG A 140 -10.55 8.09 12.65
CA ARG A 140 -10.71 9.48 13.05
C ARG A 140 -12.07 10.03 12.53
N TYR A 141 -12.56 9.48 11.40
CA TYR A 141 -13.85 9.89 10.83
C TYR A 141 -15.09 9.24 11.46
N SER A 142 -14.91 8.19 12.27
CA SER A 142 -16.06 7.52 12.90
C SER A 142 -16.84 8.52 13.75
N ARG A 143 -18.17 8.42 13.75
CA ARG A 143 -18.97 9.29 14.60
C ARG A 143 -20.22 8.60 15.15
N GLY A 144 -20.19 7.28 15.21
CA GLY A 144 -21.26 6.53 15.83
C GLY A 144 -22.54 6.44 15.03
N GLY A 145 -23.59 5.97 15.69
CA GLY A 145 -24.93 6.01 15.11
C GLY A 145 -25.34 4.82 14.26
N GLN A 146 -24.47 3.82 14.17
CA GLN A 146 -24.72 2.65 13.32
C GLN A 146 -25.07 1.38 14.11
N GLN A 147 -26.01 0.62 13.58
CA GLN A 147 -26.35 -0.69 14.12
C GLN A 147 -25.13 -1.64 14.06
N ALA A 148 -25.02 -2.60 14.98
CA ALA A 148 -26.00 -2.83 16.05
C ALA A 148 -25.58 -2.21 17.38
N GLN A 149 -24.62 -1.28 17.34
CA GLN A 149 -24.21 -0.55 18.54
C GLN A 149 -24.17 0.96 18.25
N PRO A 150 -25.35 1.61 18.27
CA PRO A 150 -25.39 3.04 17.93
C PRO A 150 -24.51 3.91 18.85
N SER A 151 -24.19 3.45 20.06
CA SER A 151 -23.35 4.25 20.97
C SER A 151 -21.85 4.11 20.66
N HIS A 152 -21.45 3.14 19.83
CA HIS A 152 -20.03 2.97 19.49
C HIS A 152 -19.61 4.08 18.55
N GLU A 153 -18.86 5.05 19.06
CA GLU A 153 -18.73 6.33 18.38
C GLU A 153 -17.31 6.85 18.34
N SER A 154 -16.58 6.63 19.44
CA SER A 154 -15.32 7.33 19.68
C SER A 154 -14.09 6.43 19.60
N PHE A 155 -13.20 6.70 18.66
CA PHE A 155 -12.00 5.88 18.45
C PHE A 155 -10.77 6.75 18.57
N VAL A 156 -9.77 6.29 19.34
CA VAL A 156 -8.54 7.08 19.51
C VAL A 156 -7.31 6.20 19.31
N PRO A 157 -6.17 6.79 18.87
CA PRO A 157 -4.91 6.04 18.81
C PRO A 157 -4.54 5.54 20.21
N ILE A 158 -3.81 4.45 20.32
CA ILE A 158 -3.65 3.84 21.65
C ILE A 158 -2.83 4.70 22.63
N ALA A 159 -1.98 5.58 22.10
CA ALA A 159 -1.17 6.44 22.96
C ALA A 159 -2.04 7.46 23.73
N ASP A 160 -3.28 7.63 23.31
CA ASP A 160 -4.19 8.50 24.07
C ASP A 160 -4.56 7.86 25.41
N LEU A 161 -4.35 6.55 25.55
CA LEU A 161 -4.70 5.90 26.80
C LEU A 161 -3.50 5.22 27.50
N ILE A 162 -2.46 4.84 26.76
CA ILE A 162 -1.30 4.20 27.36
C ILE A 162 0.00 4.70 26.80
N ASP A 163 1.12 4.42 27.49
CA ASP A 163 2.45 4.74 27.02
C ASP A 163 2.78 3.83 25.86
N VAL A 164 3.23 4.42 24.76
CA VAL A 164 3.59 3.65 23.57
C VAL A 164 5.08 3.83 23.33
N ASP A 165 5.78 2.72 23.09
CA ASP A 165 7.26 2.74 23.01
C ASP A 165 7.79 2.98 21.60
N LEU A 166 7.08 2.47 20.59
CA LEU A 166 7.45 2.71 19.20
C LEU A 166 6.21 2.58 18.32
N ALA A 167 6.33 3.04 17.09
CA ALA A 167 5.21 3.02 16.18
C ALA A 167 5.62 2.64 14.77
N LEU A 168 4.70 1.97 14.08
CA LEU A 168 4.84 1.70 12.64
C LEU A 168 3.64 2.29 11.91
N PRO A 169 3.70 3.59 11.55
CA PRO A 169 2.62 4.14 10.73
C PRO A 169 2.61 3.49 9.36
N GLY A 170 1.45 3.58 8.69
CA GLY A 170 1.26 2.94 7.40
C GLY A 170 -0.10 2.29 7.39
N CYS A 171 -0.69 2.21 6.20
CA CYS A 171 -2.02 1.65 6.10
C CYS A 171 -2.14 0.61 4.97
N PRO A 172 -1.56 -0.57 5.17
CA PRO A 172 -0.73 -1.00 6.31
C PRO A 172 0.73 -0.63 6.10
N PRO A 173 1.54 -0.72 7.18
CA PRO A 173 2.98 -0.64 7.00
C PRO A 173 3.42 -1.74 6.04
N SER A 174 4.44 -1.44 5.24
CA SER A 174 4.92 -2.34 4.22
C SER A 174 5.45 -3.65 4.83
N PRO A 175 5.42 -4.74 4.07
CA PRO A 175 6.01 -5.98 4.60
C PRO A 175 7.46 -5.74 4.97
N GLU A 176 8.14 -4.91 4.18
CA GLU A 176 9.55 -4.63 4.41
C GLU A 176 9.81 -3.89 5.73
N ILE A 177 9.05 -2.83 6.03
CA ILE A 177 9.34 -2.10 7.29
C ILE A 177 9.04 -3.03 8.49
N ILE A 178 8.04 -3.90 8.36
CA ILE A 178 7.70 -4.80 9.46
C ILE A 178 8.83 -5.80 9.69
N ALA A 179 9.32 -6.41 8.61
CA ALA A 179 10.45 -7.35 8.71
C ALA A 179 11.73 -6.68 9.24
N LYS A 180 12.03 -5.50 8.75
CA LYS A 180 13.23 -4.80 9.18
CA LYS A 180 13.20 -4.74 9.16
C LYS A 180 13.14 -4.44 10.66
N THR A 181 11.94 -4.08 11.12
CA THR A 181 11.75 -3.71 12.53
C THR A 181 11.98 -4.91 13.44
N VAL A 182 11.36 -6.04 13.10
CA VAL A 182 11.54 -7.28 13.87
C VAL A 182 13.00 -7.75 13.92
N VAL A 183 13.66 -7.76 12.76
CA VAL A 183 15.07 -8.12 12.69
C VAL A 183 15.91 -7.15 13.54
N ALA A 184 15.61 -5.86 13.44
CA ALA A 184 16.33 -4.89 14.25
C ALA A 184 16.19 -5.17 15.74
N LEU A 185 14.96 -5.47 16.19
CA LEU A 185 14.74 -5.82 17.60
C LEU A 185 15.45 -7.10 17.98
N LEU A 186 15.46 -8.07 17.07
CA LEU A 186 16.21 -9.31 17.27
C LEU A 186 17.67 -9.05 17.51
N ASN A 187 18.25 -8.19 16.68
CA ASN A 187 19.67 -7.90 16.71
C ASN A 187 20.05 -6.72 17.60
N ASN A 188 19.10 -6.22 18.39
CA ASN A 188 19.33 -5.02 19.21
C ASN A 188 19.89 -3.84 18.40
N ASP A 189 19.40 -3.67 17.18
CA ASP A 189 19.84 -2.57 16.32
C ASP A 189 19.08 -1.30 16.68
N MET A 190 19.50 -0.64 17.76
CA MET A 190 18.74 0.51 18.24
C MET A 190 18.95 1.75 17.36
N ASP A 191 20.11 1.85 16.70
CA ASP A 191 20.32 2.94 15.76
C ASP A 191 19.25 2.88 14.66
N TYR A 192 18.96 1.68 14.16
CA TYR A 192 17.97 1.57 13.08
C TYR A 192 16.57 1.94 13.59
N LEU A 193 16.27 1.54 14.83
CA LEU A 193 14.91 1.69 15.36
C LEU A 193 14.57 3.09 15.87
N GLN A 194 15.55 3.97 15.99
CA GLN A 194 15.29 5.29 16.60
C GLN A 194 14.10 6.03 15.96
N PRO A 195 13.97 6.01 14.61
CA PRO A 195 12.80 6.74 14.10
C PRO A 195 11.44 6.15 14.54
N MET A 196 11.39 4.83 14.72
CA MET A 196 10.19 4.17 15.22
C MET A 196 9.86 4.61 16.65
N LEU A 197 10.89 4.75 17.47
CA LEU A 197 10.69 5.24 18.83
C LEU A 197 10.14 6.67 18.76
N ASP A 198 10.77 7.49 17.93
CA ASP A 198 10.35 8.89 17.80
C ASP A 198 8.92 9.02 17.29
N LEU A 199 8.54 8.16 16.37
CA LEU A 199 7.23 8.25 15.74
C LEU A 199 6.11 7.89 16.70
N ALA A 200 6.46 7.32 17.86
CA ALA A 200 5.48 7.05 18.91
C ALA A 200 4.71 8.30 19.33
N GLY A 201 5.30 9.47 19.10
CA GLY A 201 4.69 10.74 19.49
C GLY A 201 3.88 11.42 18.41
N TYR A 202 3.84 10.81 17.23
CA TYR A 202 3.10 11.36 16.07
C TYR A 202 1.72 10.72 16.03
N THR A 203 0.74 11.28 16.75
CA THR A 203 -0.52 10.56 16.95
C THR A 203 -1.74 11.23 16.33
N GLU A 204 -1.50 12.37 15.69
CA GLU A 204 -2.56 13.07 14.99
CA GLU A 204 -2.54 13.10 15.00
C GLU A 204 -1.97 13.55 13.68
N ALA A 205 -2.44 12.94 12.60
CA ALA A 205 -1.82 13.15 11.30
C ALA A 205 -2.84 13.44 10.24
N CYS A 206 -2.40 14.13 9.20
CA CYS A 206 -3.27 14.45 8.07
C CYS A 206 -2.45 14.93 6.90
N GLY A 207 -3.01 14.88 5.70
CA GLY A 207 -2.25 15.36 4.56
C GLY A 207 -1.90 16.85 4.68
N CYS A 208 -2.66 17.58 5.49
CA CYS A 208 -2.37 19.02 5.69
C CYS A 208 -1.07 19.22 6.47
N ASP A 209 -0.55 18.15 7.10
CA ASP A 209 0.74 18.24 7.75
C ASP A 209 1.81 18.66 6.76
N LEU A 210 1.63 18.35 5.47
CA LEU A 210 2.66 18.74 4.51
C LEU A 210 2.72 20.27 4.42
N GLN A 211 1.57 20.93 4.55
CA GLN A 211 1.58 22.38 4.63
C GLN A 211 2.13 22.85 5.99
N THR A 212 1.51 22.40 7.08
CA THR A 212 1.78 23.03 8.36
C THR A 212 3.20 22.74 8.84
N LYS A 213 3.75 21.58 8.47
CA LYS A 213 5.07 21.17 8.97
C LYS A 213 6.21 21.28 7.94
N VAL A 214 5.87 21.52 6.68
CA VAL A 214 6.91 21.57 5.66
C VAL A 214 6.81 22.83 4.83
N VAL A 215 5.77 22.93 3.99
CA VAL A 215 5.64 24.10 3.12
C VAL A 215 5.60 25.40 3.90
N ASN A 216 4.77 25.49 4.94
CA ASN A 216 4.68 26.69 5.79
C ASN A 216 6.00 27.07 6.50
N GLN A 217 6.87 26.07 6.68
CA GLN A 217 8.11 26.21 7.46
C GLN A 217 9.31 26.52 6.56
N GLY A 218 9.08 26.62 5.25
CA GLY A 218 10.13 26.96 4.32
C GLY A 218 11.03 25.79 3.99
N LEU A 219 10.48 24.59 4.13
CA LEU A 219 11.26 23.39 3.96
C LEU A 219 10.96 22.61 2.69
N CYS A 220 9.83 22.87 2.04
CA CYS A 220 9.47 22.03 0.90
C CYS A 220 10.35 22.31 -0.30
N ILE A 221 10.83 21.25 -0.96
CA ILE A 221 11.63 21.46 -2.17
C ILE A 221 11.08 20.73 -3.39
N GLY A 222 9.82 20.31 -3.31
CA GLY A 222 9.11 19.84 -4.50
C GLY A 222 9.55 18.50 -5.09
N CYS A 223 10.05 17.61 -4.26
CA CYS A 223 10.61 16.33 -4.75
C CYS A 223 9.56 15.30 -5.19
N GLY A 224 8.37 15.35 -4.58
CA GLY A 224 7.28 14.45 -4.92
C GLY A 224 7.26 13.15 -4.12
N THR A 225 8.12 13.06 -3.11
CA THR A 225 8.22 11.83 -2.31
C THR A 225 6.90 11.55 -1.59
N CYS A 226 6.30 12.61 -1.08
CA CYS A 226 5.01 12.50 -0.41
C CYS A 226 3.93 11.88 -1.32
N ALA A 227 3.81 12.40 -2.55
CA ALA A 227 2.84 11.88 -3.51
C ALA A 227 3.16 10.42 -3.92
N MET A 228 4.43 10.07 -3.98
CA MET A 228 4.83 8.68 -4.30
C MET A 228 4.35 7.72 -3.22
N ALA A 229 4.44 8.16 -1.97
CA ALA A 229 4.22 7.28 -0.84
C ALA A 229 2.75 7.04 -0.53
N CYS A 230 1.92 8.06 -0.71
CA CYS A 230 0.50 8.03 -0.29
C CYS A 230 -0.24 6.79 -0.79
N GLN A 231 -0.70 5.97 0.15
CA GLN A 231 -1.25 4.68 -0.24
C GLN A 231 -2.67 4.79 -0.82
N THR A 232 -3.35 5.93 -0.64
CA THR A 232 -4.69 6.11 -1.22
C THR A 232 -4.69 6.94 -2.50
N ARG A 233 -3.53 7.43 -2.89
CA ARG A 233 -3.38 8.40 -4.00
C ARG A 233 -4.16 9.69 -3.74
N ALA A 234 -4.16 10.15 -2.50
CA ALA A 234 -4.81 11.44 -2.15
C ALA A 234 -3.95 12.61 -2.61
N LEU A 235 -2.69 12.35 -2.92
CA LEU A 235 -1.76 13.44 -3.27
C LEU A 235 -1.37 13.46 -4.74
N ASP A 236 -1.36 14.67 -5.29
CA ASP A 236 -0.80 14.95 -6.59
C ASP A 236 0.23 16.05 -6.37
N MET A 237 0.82 16.55 -7.44
CA MET A 237 1.70 17.73 -7.35
C MET A 237 1.19 18.81 -8.31
N THR A 238 1.11 20.05 -7.82
CA THR A 238 0.68 21.19 -8.62
C THR A 238 1.83 22.18 -8.59
N ASN A 239 2.39 22.51 -9.76
CA ASN A 239 3.53 23.45 -9.81
C ASN A 239 4.57 23.09 -8.75
N GLY A 240 4.89 21.81 -8.67
CA GLY A 240 5.94 21.36 -7.76
C GLY A 240 5.62 21.38 -6.27
N ARG A 241 4.34 21.44 -5.91
CA ARG A 241 3.93 21.47 -4.51
C ARG A 241 2.81 20.46 -4.29
N PRO A 242 2.79 19.83 -3.11
CA PRO A 242 1.78 18.79 -2.88
C PRO A 242 0.37 19.31 -2.99
N GLU A 243 -0.50 18.53 -3.62
CA GLU A 243 -1.90 18.88 -3.78
C GLU A 243 -2.79 17.82 -3.15
N LEU A 244 -3.50 18.17 -2.09
CA LEU A 244 -4.24 17.15 -1.32
C LEU A 244 -5.70 17.00 -1.80
N ASN A 245 -6.10 15.76 -2.11
CA ASN A 245 -7.50 15.46 -2.37
C ASN A 245 -8.07 14.96 -1.06
N SER A 246 -8.71 15.85 -0.31
CA SER A 246 -9.17 15.51 1.04
CA SER A 246 -9.15 15.49 1.05
C SER A 246 -10.18 14.36 1.07
N ASP A 247 -10.87 14.15 -0.04
CA ASP A 247 -11.86 13.07 -0.14
C ASP A 247 -11.22 11.69 -0.04
N ARG A 248 -9.91 11.61 -0.25
CA ARG A 248 -9.20 10.32 -0.22
C ARG A 248 -8.23 10.20 0.96
N CYS A 249 -8.15 11.24 1.80
CA CYS A 249 -7.15 11.20 2.89
C CYS A 249 -7.65 10.39 4.06
N ILE A 250 -6.84 9.44 4.53
CA ILE A 250 -7.19 8.57 5.63
C ILE A 250 -6.44 8.95 6.92
N LYS A 251 -5.74 10.09 6.89
CA LYS A 251 -5.12 10.63 8.12
C LYS A 251 -4.11 9.65 8.74
N CYS A 252 -3.37 8.99 7.86
CA CYS A 252 -2.41 7.96 8.25
C CYS A 252 -1.01 8.50 8.56
N GLY A 253 -0.69 9.69 8.05
CA GLY A 253 0.61 10.31 8.31
C GLY A 253 1.79 9.91 7.43
N ILE A 254 1.59 8.99 6.49
CA ILE A 254 2.70 8.41 5.73
C ILE A 254 3.42 9.45 4.85
N CYS A 255 2.70 10.42 4.29
CA CYS A 255 3.31 11.42 3.43
C CYS A 255 4.37 12.21 4.20
N TYR A 256 4.01 12.63 5.41
CA TYR A 256 4.95 13.38 6.25
C TYR A 256 6.07 12.47 6.80
N VAL A 257 5.74 11.22 7.07
CA VAL A 257 6.73 10.24 7.49
C VAL A 257 7.83 10.08 6.43
N GLN A 258 7.44 9.99 5.17
CA GLN A 258 8.42 9.72 4.10
C GLN A 258 9.12 10.98 3.56
N CYS A 259 8.48 12.13 3.69
CA CYS A 259 9.12 13.41 3.34
C CYS A 259 10.58 13.49 3.84
N PRO A 260 11.53 13.76 2.92
CA PRO A 260 12.93 13.84 3.34
C PRO A 260 13.17 15.04 4.26
N ARG A 261 12.22 15.95 4.34
CA ARG A 261 12.47 17.15 5.15
C ARG A 261 11.79 17.08 6.53
N SER A 262 11.12 15.97 6.84
CA SER A 262 10.55 15.79 8.18
C SER A 262 11.60 15.31 9.19
N TRP A 263 12.38 14.33 8.79
CA TRP A 263 13.50 13.85 9.60
C TRP A 263 14.43 13.17 8.61
N TRP A 264 15.72 13.26 8.88
CA TRP A 264 16.69 12.85 7.89
C TRP A 264 17.71 11.88 8.50
N PRO A 265 17.49 10.57 8.29
CA PRO A 265 18.32 9.57 8.97
C PRO A 265 19.60 9.30 8.18
N GLU A 266 20.49 10.28 8.14
CA GLU A 266 21.60 10.22 7.20
C GLU A 266 22.54 9.03 7.46
N GLU A 267 22.88 8.77 8.72
CA GLU A 267 23.87 7.75 9.00
C GLU A 267 23.37 6.35 8.63
N GLN A 268 22.12 6.09 8.94
CA GLN A 268 21.55 4.80 8.59
C GLN A 268 21.40 4.65 7.07
N ILE A 269 21.04 5.73 6.38
CA ILE A 269 20.93 5.67 4.93
C ILE A 269 22.29 5.34 4.30
N LYS A 270 23.34 6.03 4.73
CA LYS A 270 24.66 5.83 4.17
C LYS A 270 25.19 4.43 4.54
N LYS A 271 24.88 3.99 5.74
CA LYS A 271 25.33 2.65 6.18
C LYS A 271 24.85 1.59 5.21
N GLU A 272 23.58 1.67 4.83
CA GLU A 272 22.96 0.67 3.97
C GLU A 272 23.43 0.77 2.54
N LEU A 273 23.89 1.96 2.13
CA LEU A 273 24.40 2.15 0.77
C LEU A 273 25.88 1.83 0.66
N GLY A 274 26.54 1.74 1.81
CA GLY A 274 27.97 1.48 1.87
C GLY A 274 28.73 2.75 1.57
N LEU A 275 28.12 3.88 1.84
CA LEU A 275 28.76 5.19 1.65
C LEU A 275 29.13 5.81 3.01
N SER B 2 -28.18 -28.26 32.11
CA SER B 2 -27.30 -27.73 31.08
C SER B 2 -26.27 -26.76 31.64
N GLU B 3 -25.16 -26.65 30.93
CA GLU B 3 -24.04 -25.82 31.32
C GLU B 3 -23.62 -24.99 30.12
N ARG B 4 -23.08 -23.78 30.37
CA ARG B 4 -22.64 -22.85 29.32
C ARG B 4 -21.16 -22.94 29.08
N ILE B 5 -20.76 -23.26 27.85
CA ILE B 5 -19.37 -23.14 27.47
C ILE B 5 -19.21 -21.87 26.62
N VAL B 6 -18.33 -20.96 27.08
CA VAL B 6 -18.12 -19.68 26.38
C VAL B 6 -16.69 -19.63 25.87
N ILE B 7 -16.53 -19.33 24.58
CA ILE B 7 -15.22 -19.07 24.02
C ILE B 7 -15.22 -17.63 23.52
N SER B 8 -14.35 -16.79 24.07
CA SER B 8 -14.36 -15.35 23.77
C SER B 8 -12.96 -14.74 23.85
N PRO B 9 -12.40 -14.34 22.71
CA PRO B 9 -12.95 -14.46 21.36
C PRO B 9 -12.60 -15.82 20.75
N THR B 10 -13.35 -16.27 19.75
CA THR B 10 -12.98 -17.49 19.06
C THR B 10 -11.69 -17.20 18.28
N SER B 11 -10.86 -18.23 18.12
CA SER B 11 -9.50 -18.03 17.62
C SER B 11 -9.31 -18.44 16.15
N ARG B 12 -8.21 -17.94 15.57
CA ARG B 12 -7.77 -18.26 14.21
C ARG B 12 -8.90 -18.06 13.20
N GLN B 13 -9.36 -16.82 13.25
CA GLN B 13 -10.26 -16.21 12.29
C GLN B 13 -9.92 -14.74 12.33
N GLU B 14 -10.50 -13.93 11.44
CA GLU B 14 -10.30 -12.48 11.55
C GLU B 14 -11.28 -11.90 12.55
N GLY B 15 -10.79 -11.06 13.45
CA GLY B 15 -11.64 -10.26 14.32
C GLY B 15 -12.28 -11.05 15.45
N HIS B 16 -13.04 -10.34 16.30
CA HIS B 16 -13.51 -10.91 17.55
C HIS B 16 -15.01 -11.17 17.62
N ALA B 17 -15.32 -12.45 17.86
CA ALA B 17 -16.68 -12.94 18.08
C ALA B 17 -16.71 -13.78 19.34
N GLU B 18 -17.90 -14.01 19.87
CA GLU B 18 -18.03 -14.85 21.04
C GLU B 18 -18.91 -16.04 20.66
N LEU B 19 -18.51 -17.22 21.10
CA LEU B 19 -19.33 -18.42 20.91
C LEU B 19 -19.85 -18.90 22.25
N VAL B 20 -21.16 -19.07 22.36
CA VAL B 20 -21.75 -19.57 23.58
C VAL B 20 -22.49 -20.86 23.27
N MET B 21 -22.08 -21.94 23.91
CA MET B 21 -22.70 -23.25 23.71
C MET B 21 -23.33 -23.77 25.00
N GLU B 22 -24.62 -24.02 24.96
CA GLU B 22 -25.28 -24.74 26.06
C GLU B 22 -25.08 -26.22 25.78
N VAL B 23 -24.59 -26.96 26.77
CA VAL B 23 -24.29 -28.38 26.55
C VAL B 23 -24.95 -29.27 27.59
N ASP B 24 -25.28 -30.50 27.18
CA ASP B 24 -25.87 -31.44 28.12
C ASP B 24 -24.77 -32.17 28.93
N ASP B 25 -25.19 -33.15 29.74
CA ASP B 25 -24.30 -33.92 30.60
C ASP B 25 -23.12 -34.57 29.87
N GLU B 26 -23.32 -34.87 28.59
CA GLU B 26 -22.28 -35.55 27.81
C GLU B 26 -21.43 -34.56 27.02
N GLY B 27 -21.71 -33.28 27.20
CA GLY B 27 -20.98 -32.22 26.51
C GLY B 27 -21.47 -31.95 25.10
N ILE B 28 -22.61 -32.53 24.73
CA ILE B 28 -23.18 -32.32 23.39
C ILE B 28 -23.90 -30.97 23.35
N VAL B 29 -23.69 -30.19 22.29
CA VAL B 29 -24.28 -28.86 22.22
C VAL B 29 -25.79 -28.99 21.97
N THR B 30 -26.59 -28.39 22.84
CA THR B 30 -28.04 -28.38 22.64
C THR B 30 -28.50 -27.02 22.11
N LYS B 31 -27.68 -25.99 22.29
CA LYS B 31 -28.06 -24.64 21.85
C LYS B 31 -26.80 -23.81 21.63
N GLY B 32 -26.59 -23.40 20.38
CA GLY B 32 -25.38 -22.64 20.05
C GLY B 32 -25.66 -21.24 19.53
N ARG B 33 -24.89 -20.25 20.01
CA ARG B 33 -25.08 -18.85 19.60
C ARG B 33 -23.71 -18.26 19.33
N TYR B 34 -23.58 -17.59 18.18
CA TYR B 34 -22.34 -16.94 17.78
C TYR B 34 -22.69 -15.50 17.48
N PHE B 35 -21.88 -14.56 17.98
CA PHE B 35 -22.18 -13.16 17.74
C PHE B 35 -20.92 -12.31 17.75
N SER B 36 -20.98 -11.19 17.03
CA SER B 36 -19.88 -10.23 17.01
C SER B 36 -19.73 -9.45 18.31
N ILE B 37 -18.51 -9.34 18.83
CA ILE B 37 -18.24 -8.42 19.95
C ILE B 37 -17.20 -7.38 19.50
N THR B 38 -17.02 -7.30 18.18
CA THR B 38 -16.17 -6.32 17.53
C THR B 38 -16.82 -4.93 17.59
N PRO B 39 -16.10 -3.91 18.07
CA PRO B 39 -16.79 -2.62 18.12
C PRO B 39 -17.17 -2.10 16.73
N VAL B 40 -18.24 -1.31 16.67
CA VAL B 40 -18.75 -0.81 15.41
C VAL B 40 -18.01 0.49 15.02
N ARG B 41 -16.98 0.36 14.20
CA ARG B 41 -16.31 1.52 13.61
C ARG B 41 -17.33 2.38 12.81
N GLY B 42 -18.33 1.74 12.22
CA GLY B 42 -19.48 2.48 11.69
C GLY B 42 -19.26 3.08 10.32
N LEU B 43 -18.82 2.24 9.39
CA LEU B 43 -18.46 2.68 8.04
C LEU B 43 -19.62 3.26 7.27
N GLU B 44 -20.80 2.65 7.44
CA GLU B 44 -21.98 3.11 6.70
C GLU B 44 -22.32 4.53 7.09
N LYS B 45 -22.34 4.79 8.39
CA LYS B 45 -22.70 6.12 8.87
C LYS B 45 -21.54 7.08 8.65
N MET B 46 -20.33 6.55 8.56
CA MET B 46 -19.17 7.38 8.23
C MET B 46 -19.24 7.97 6.81
N VAL B 47 -19.60 7.13 5.85
CA VAL B 47 -19.55 7.62 4.46
C VAL B 47 -20.84 8.31 4.05
N THR B 48 -21.89 8.12 4.82
CA THR B 48 -23.14 8.87 4.59
C THR B 48 -22.91 10.35 4.83
N GLY B 49 -23.27 11.20 3.87
CA GLY B 49 -23.04 12.64 3.98
C GLY B 49 -21.79 13.11 3.25
N LYS B 50 -20.98 12.17 2.77
CA LYS B 50 -19.72 12.50 2.12
C LYS B 50 -19.70 12.30 0.60
N ALA B 51 -18.63 12.76 -0.02
CA ALA B 51 -18.51 12.67 -1.48
C ALA B 51 -18.42 11.21 -1.90
N PRO B 52 -18.96 10.89 -3.08
CA PRO B 52 -18.90 9.48 -3.51
C PRO B 52 -17.48 8.88 -3.56
N GLU B 53 -16.48 9.67 -3.93
CA GLU B 53 -15.11 9.17 -4.08
C GLU B 53 -14.58 8.66 -2.73
N THR B 54 -15.13 9.21 -1.65
CA THR B 54 -14.67 8.84 -0.32
C THR B 54 -15.11 7.43 0.07
N ALA B 55 -16.28 7.01 -0.41
CA ALA B 55 -16.80 5.75 0.09
C ALA B 55 -15.90 4.51 -0.20
N PRO B 56 -15.42 4.31 -1.46
CA PRO B 56 -14.55 3.14 -1.68
C PRO B 56 -13.26 3.13 -0.86
N VAL B 57 -12.67 4.31 -0.66
CA VAL B 57 -11.48 4.45 0.17
C VAL B 57 -11.73 4.04 1.62
N MET B 58 -12.83 4.51 2.20
CA MET B 58 -13.13 4.17 3.56
C MET B 58 -13.67 2.74 3.74
N VAL B 59 -14.61 2.32 2.89
CA VAL B 59 -15.21 0.99 3.14
C VAL B 59 -14.23 -0.16 2.81
N GLN B 60 -13.20 0.06 2.00
CA GLN B 60 -12.28 -1.05 1.81
C GLN B 60 -11.55 -1.32 3.14
N ARG B 61 -11.50 -0.31 4.02
CA ARG B 61 -10.82 -0.47 5.30
C ARG B 61 -11.71 -1.11 6.35
N ILE B 62 -12.88 -1.56 5.93
CA ILE B 62 -13.66 -2.51 6.74
C ILE B 62 -12.77 -3.70 7.12
N CYS B 63 -11.93 -4.13 6.18
CA CYS B 63 -11.16 -5.35 6.37
C CYS B 63 -9.91 -5.44 5.51
N GLY B 64 -8.78 -5.77 6.15
CA GLY B 64 -7.51 -5.85 5.43
C GLY B 64 -7.16 -7.25 4.96
N VAL B 65 -8.03 -8.21 5.27
CA VAL B 65 -7.96 -9.56 4.69
C VAL B 65 -8.65 -9.54 3.35
N CYS B 66 -9.83 -8.92 3.28
CA CYS B 66 -10.61 -8.89 2.04
C CYS B 66 -11.00 -7.51 1.53
N PRO B 67 -10.06 -6.54 1.50
CA PRO B 67 -10.48 -5.22 1.07
C PRO B 67 -10.94 -5.14 -0.41
N ILE B 68 -10.50 -6.07 -1.24
CA ILE B 68 -10.78 -6.03 -2.67
C ILE B 68 -12.29 -6.06 -2.94
N PRO B 69 -13.01 -7.04 -2.37
CA PRO B 69 -14.44 -7.02 -2.72
C PRO B 69 -15.25 -5.83 -2.16
N HIS B 70 -14.86 -5.25 -1.03
CA HIS B 70 -15.53 -4.04 -0.59
C HIS B 70 -15.30 -2.88 -1.55
N THR B 71 -14.08 -2.73 -2.06
CA THR B 71 -13.81 -1.64 -3.01
C THR B 71 -14.66 -1.84 -4.25
N LEU B 72 -14.73 -3.09 -4.72
CA LEU B 72 -15.55 -3.42 -5.88
C LEU B 72 -17.04 -3.22 -5.63
N ALA B 73 -17.54 -3.66 -4.47
CA ALA B 73 -18.98 -3.53 -4.24
C ALA B 73 -19.37 -2.07 -4.13
N SER B 74 -18.47 -1.29 -3.53
CA SER B 74 -18.71 0.14 -3.36
C SER B 74 -18.77 0.83 -4.73
N VAL B 75 -17.77 0.60 -5.57
CA VAL B 75 -17.80 1.31 -6.84
C VAL B 75 -18.92 0.78 -7.73
N GLU B 76 -19.25 -0.50 -7.64
CA GLU B 76 -20.39 -1.02 -8.38
C GLU B 76 -21.72 -0.43 -7.91
N ALA B 77 -21.89 -0.25 -6.60
CA ALA B 77 -23.12 0.36 -6.10
C ALA B 77 -23.22 1.79 -6.58
N ILE B 78 -22.09 2.50 -6.53
CA ILE B 78 -22.10 3.91 -6.89
C ILE B 78 -22.28 4.06 -8.42
N ASP B 79 -21.59 3.22 -9.20
CA ASP B 79 -21.80 3.18 -10.65
C ASP B 79 -23.27 2.99 -10.97
N ASP B 80 -23.90 2.06 -10.25
CA ASP B 80 -25.29 1.74 -10.51
C ASP B 80 -26.19 2.95 -10.14
N SER B 81 -25.88 3.61 -9.02
CA SER B 81 -26.64 4.80 -8.64
C SER B 81 -26.51 5.92 -9.69
N LEU B 82 -25.35 6.00 -10.33
CA LEU B 82 -25.03 7.08 -11.27
C LEU B 82 -25.28 6.70 -12.72
N ASP B 83 -25.84 5.50 -12.93
CA ASP B 83 -26.07 4.93 -14.27
C ASP B 83 -24.84 4.95 -15.14
N ILE B 84 -23.73 4.48 -14.60
CA ILE B 84 -22.46 4.45 -15.35
C ILE B 84 -22.28 3.11 -16.03
N GLU B 85 -21.86 3.13 -17.29
CA GLU B 85 -21.47 1.93 -18.02
C GLU B 85 -19.96 1.87 -18.10
N VAL B 86 -19.36 0.93 -17.39
CA VAL B 86 -17.90 0.79 -17.35
C VAL B 86 -17.35 0.17 -18.64
N PRO B 87 -16.25 0.71 -19.18
CA PRO B 87 -15.68 0.12 -20.42
C PRO B 87 -15.20 -1.30 -20.21
N LYS B 88 -15.18 -2.08 -21.29
CA LYS B 88 -14.85 -3.50 -21.21
C LYS B 88 -13.53 -3.77 -20.47
N ALA B 89 -12.49 -3.00 -20.75
CA ALA B 89 -11.18 -3.30 -20.13
C ALA B 89 -11.24 -3.01 -18.64
N GLY B 90 -11.99 -1.99 -18.24
CA GLY B 90 -12.14 -1.75 -16.80
C GLY B 90 -12.92 -2.85 -16.09
N ARG B 91 -13.97 -3.39 -16.73
CA ARG B 91 -14.71 -4.49 -16.16
C ARG B 91 -13.79 -5.72 -16.02
N LEU B 92 -13.01 -6.02 -17.06
CA LEU B 92 -12.08 -7.16 -16.98
C LEU B 92 -11.03 -6.99 -15.86
N LEU B 93 -10.47 -5.78 -15.74
CA LEU B 93 -9.49 -5.59 -14.68
C LEU B 93 -10.11 -5.73 -13.29
N ARG B 94 -11.34 -5.27 -13.12
CA ARG B 94 -12.04 -5.48 -11.85
C ARG B 94 -12.20 -6.96 -11.56
N GLU B 95 -12.61 -7.72 -12.59
CA GLU B 95 -12.84 -9.16 -12.43
C GLU B 95 -11.54 -9.91 -12.12
N LEU B 96 -10.48 -9.49 -12.81
CA LEU B 96 -9.16 -10.09 -12.63
C LEU B 96 -8.65 -9.86 -11.21
N THR B 97 -8.82 -8.63 -10.74
CA THR B 97 -8.42 -8.28 -9.36
C THR B 97 -9.12 -9.19 -8.33
N LEU B 98 -10.42 -9.39 -8.49
CA LEU B 98 -11.17 -10.24 -7.55
C LEU B 98 -10.77 -11.71 -7.69
N ALA B 99 -10.55 -12.18 -8.92
CA ALA B 99 -10.20 -13.60 -9.12
C ALA B 99 -8.87 -13.92 -8.43
N ALA B 100 -7.86 -13.06 -8.65
CA ALA B 100 -6.59 -13.19 -7.95
C ALA B 100 -6.76 -13.09 -6.44
N HIS B 101 -7.67 -12.23 -6.03
CA HIS B 101 -7.91 -12.02 -4.61
C HIS B 101 -8.45 -13.28 -3.94
N HIS B 102 -9.38 -13.97 -4.61
CA HIS B 102 -9.85 -15.24 -4.08
C HIS B 102 -8.71 -16.21 -3.77
N VAL B 103 -7.76 -16.31 -4.69
CA VAL B 103 -6.64 -17.23 -4.49
C VAL B 103 -5.86 -16.85 -3.23
N ASN B 104 -5.57 -15.58 -3.09
CA ASN B 104 -4.88 -15.06 -1.91
C ASN B 104 -5.66 -15.36 -0.62
N SER B 105 -6.93 -15.00 -0.61
CA SER B 105 -7.75 -15.10 0.61
C SER B 105 -7.96 -16.55 1.08
N HIS B 106 -8.28 -17.46 0.14
CA HIS B 106 -8.46 -18.85 0.53
C HIS B 106 -7.14 -19.41 1.06
N ALA B 107 -6.03 -18.98 0.46
CA ALA B 107 -4.73 -19.41 0.97
C ALA B 107 -4.52 -18.89 2.40
N ILE B 108 -5.00 -17.67 2.67
CA ILE B 108 -4.89 -17.10 4.03
C ILE B 108 -5.69 -17.97 4.99
N HIS B 109 -6.85 -18.47 4.56
CA HIS B 109 -7.63 -19.30 5.46
C HIS B 109 -6.91 -20.61 5.74
N HIS B 110 -6.22 -21.17 4.74
CA HIS B 110 -5.45 -22.38 4.98
C HIS B 110 -4.37 -22.17 6.01
N PHE B 111 -3.74 -21.00 5.97
CA PHE B 111 -2.77 -20.62 6.98
C PHE B 111 -3.42 -20.65 8.38
N LEU B 112 -4.59 -20.03 8.50
CA LEU B 112 -5.25 -19.91 9.80
C LEU B 112 -5.71 -21.26 10.35
N ILE B 113 -6.18 -22.15 9.49
CA ILE B 113 -6.62 -23.46 9.96
C ILE B 113 -5.54 -24.54 9.98
N ALA B 114 -4.32 -24.21 9.53
CA ALA B 114 -3.26 -25.22 9.49
C ALA B 114 -3.04 -25.96 10.82
N PRO B 115 -3.09 -25.25 11.98
CA PRO B 115 -2.92 -26.00 13.23
C PRO B 115 -3.94 -27.13 13.44
N ASP B 116 -5.13 -27.00 12.87
CA ASP B 116 -6.17 -28.01 13.02
C ASP B 116 -5.96 -29.20 12.11
N PHE B 117 -5.37 -28.96 10.94
CA PHE B 117 -5.40 -29.97 9.88
C PHE B 117 -4.03 -30.44 9.41
N VAL B 118 -3.00 -29.61 9.55
CA VAL B 118 -1.71 -29.97 8.99
C VAL B 118 -0.81 -30.59 10.05
N PRO B 119 -0.33 -31.83 9.81
CA PRO B 119 0.61 -32.50 10.72
C PRO B 119 1.81 -31.62 11.00
N GLU B 120 2.37 -31.72 12.19
CA GLU B 120 3.54 -30.90 12.54
C GLU B 120 4.69 -31.03 11.51
N ASN B 121 4.97 -32.24 11.05
CA ASN B 121 6.12 -32.46 10.15
C ASN B 121 5.91 -31.85 8.77
N LEU B 122 4.65 -31.56 8.42
CA LEU B 122 4.34 -30.89 7.17
C LEU B 122 4.09 -29.39 7.31
N MET B 123 4.22 -28.86 8.52
CA MET B 123 3.77 -27.48 8.74
C MET B 123 4.61 -26.44 7.98
N ALA B 124 5.95 -26.55 8.05
CA ALA B 124 6.83 -25.66 7.28
C ALA B 124 6.49 -25.67 5.78
N ASP B 125 6.28 -26.86 5.25
CA ASP B 125 5.90 -27.01 3.84
C ASP B 125 4.59 -26.27 3.51
N ALA B 126 3.60 -26.43 4.38
CA ALA B 126 2.30 -25.80 4.16
C ALA B 126 2.42 -24.28 4.20
N ILE B 127 3.14 -23.74 5.18
CA ILE B 127 3.30 -22.28 5.23
C ILE B 127 4.01 -21.77 3.99
N ASN B 128 5.03 -22.51 3.56
CA ASN B 128 5.76 -22.11 2.36
C ASN B 128 4.91 -22.22 1.10
N SER B 129 4.03 -23.21 1.07
CA SER B 129 3.13 -23.39 -0.07
C SER B 129 2.12 -22.25 -0.15
N VAL B 130 1.50 -21.96 0.99
CA VAL B 130 0.59 -20.84 1.10
C VAL B 130 1.30 -19.57 0.65
N SER B 131 2.53 -19.37 1.12
CA SER B 131 3.21 -18.11 0.85
C SER B 131 3.56 -17.93 -0.63
N GLU B 132 3.97 -19.00 -1.30
CA GLU B 132 4.30 -18.87 -2.72
C GLU B 132 3.04 -18.58 -3.52
N ILE B 133 1.93 -19.19 -3.10
CA ILE B 133 0.68 -18.97 -3.81
C ILE B 133 0.24 -17.51 -3.63
N ARG B 134 0.31 -17.01 -2.40
CA ARG B 134 -0.09 -15.62 -2.14
C ARG B 134 0.82 -14.63 -2.86
N LYS B 135 2.12 -14.92 -2.90
CA LYS B 135 3.07 -14.03 -3.59
C LYS B 135 2.63 -13.82 -5.03
N ASN B 136 2.28 -14.90 -5.72
CA ASN B 136 1.92 -14.77 -7.13
C ASN B 136 0.54 -14.15 -7.36
N ALA B 137 -0.43 -14.55 -6.56
CA ALA B 137 -1.74 -13.91 -6.58
C ALA B 137 -1.60 -12.39 -6.36
N GLN B 138 -0.78 -12.01 -5.39
CA GLN B 138 -0.69 -10.59 -5.07
C GLN B 138 0.08 -9.74 -6.10
N TYR B 139 0.92 -10.35 -6.94
CA TYR B 139 1.44 -9.60 -8.09
C TYR B 139 0.31 -8.96 -8.87
N VAL B 140 -0.76 -9.71 -9.07
CA VAL B 140 -1.91 -9.19 -9.83
C VAL B 140 -2.57 -8.01 -9.14
N VAL B 141 -2.88 -8.19 -7.86
CA VAL B 141 -3.59 -7.15 -7.14
C VAL B 141 -2.76 -5.87 -7.03
N ASP B 142 -1.46 -5.98 -6.72
CA ASP B 142 -0.55 -4.81 -6.73
C ASP B 142 -0.50 -4.13 -8.11
N MET B 143 -0.16 -4.88 -9.17
CA MET B 143 0.02 -4.22 -10.48
C MET B 143 -1.25 -3.65 -11.07
N VAL B 144 -2.36 -4.36 -10.92
CA VAL B 144 -3.61 -3.92 -11.54
C VAL B 144 -4.32 -2.87 -10.70
N ALA B 145 -4.36 -3.09 -9.39
CA ALA B 145 -5.21 -2.29 -8.53
C ALA B 145 -4.46 -1.34 -7.58
N GLY B 146 -3.13 -1.28 -7.67
CA GLY B 146 -2.40 -0.22 -7.00
C GLY B 146 -1.72 -0.56 -5.69
N GLU B 147 -2.36 -1.40 -4.87
CA GLU B 147 -1.78 -1.88 -3.59
C GLU B 147 -2.41 -3.25 -3.31
N GLY B 148 -1.63 -4.19 -2.78
CA GLY B 148 -2.14 -5.54 -2.55
C GLY B 148 -3.08 -5.64 -1.36
N ILE B 149 -3.00 -4.66 -0.46
CA ILE B 149 -3.95 -4.48 0.63
C ILE B 149 -4.47 -3.04 0.52
N HIS B 150 -5.79 -2.85 0.54
CA HIS B 150 -6.45 -1.56 0.26
C HIS B 150 -6.01 -0.99 -1.09
N PRO B 151 -6.38 -1.68 -2.17
CA PRO B 151 -6.03 -1.21 -3.52
C PRO B 151 -6.63 0.17 -3.80
N SER B 152 -5.79 1.08 -4.26
CA SER B 152 -6.18 2.47 -4.50
C SER B 152 -6.85 2.70 -5.85
N ASP B 153 -6.68 1.79 -6.81
CA ASP B 153 -7.01 2.14 -8.19
C ASP B 153 -8.25 1.47 -8.79
N VAL B 154 -9.05 0.83 -7.94
CA VAL B 154 -10.44 0.50 -8.29
C VAL B 154 -11.23 1.78 -8.08
N ARG B 155 -11.95 2.26 -9.09
CA ARG B 155 -12.53 3.62 -9.04
C ARG B 155 -13.97 3.63 -9.55
N ILE B 156 -14.75 4.62 -9.13
CA ILE B 156 -16.04 4.88 -9.74
C ILE B 156 -15.80 5.04 -11.24
N GLY B 157 -16.58 4.33 -12.05
CA GLY B 157 -16.42 4.42 -13.49
C GLY B 157 -15.47 3.40 -14.08
N GLY B 158 -14.70 2.71 -13.23
CA GLY B 158 -13.88 1.60 -13.73
C GLY B 158 -12.64 1.29 -12.90
N MET B 159 -11.49 1.64 -13.48
CA MET B 159 -10.18 1.55 -12.84
C MET B 159 -9.48 2.87 -13.11
N ALA B 160 -8.42 3.15 -12.36
CA ALA B 160 -7.63 4.35 -12.58
C ALA B 160 -6.89 4.30 -13.90
N ASP B 161 -6.38 3.13 -14.25
CA ASP B 161 -5.53 3.01 -15.43
C ASP B 161 -5.47 1.58 -15.93
N ASN B 162 -5.10 1.41 -17.21
CA ASN B 162 -4.84 0.08 -17.75
C ASN B 162 -3.39 -0.30 -17.36
N ILE B 163 -2.99 -1.52 -17.68
CA ILE B 163 -1.62 -1.98 -17.41
C ILE B 163 -0.86 -2.09 -18.73
N THR B 164 0.45 -2.23 -18.65
CA THR B 164 1.27 -2.40 -19.85
C THR B 164 1.26 -3.83 -20.35
N GLU B 165 1.74 -4.02 -21.57
CA GLU B 165 1.95 -5.38 -22.09
C GLU B 165 2.98 -6.09 -21.22
N LEU B 166 3.98 -5.35 -20.76
CA LEU B 166 4.98 -5.92 -19.85
C LEU B 166 4.28 -6.58 -18.66
N ALA B 167 3.40 -5.80 -18.01
CA ALA B 167 2.64 -6.27 -16.87
C ALA B 167 1.74 -7.46 -17.25
N ARG B 168 0.98 -7.30 -18.33
CA ARG B 168 0.02 -8.34 -18.68
C ARG B 168 0.69 -9.68 -18.92
N LYS B 169 1.76 -9.66 -19.70
CA LYS B 169 2.39 -10.93 -20.06
C LYS B 169 3.16 -11.51 -18.87
N ARG B 170 3.67 -10.64 -17.99
CA ARG B 170 4.39 -11.11 -16.81
C ARG B 170 3.44 -11.84 -15.88
N LEU B 171 2.28 -11.22 -15.65
CA LEU B 171 1.25 -11.80 -14.80
C LEU B 171 0.71 -13.10 -15.38
N TYR B 172 0.48 -13.10 -16.69
CA TYR B 172 -0.03 -14.30 -17.35
C TYR B 172 0.88 -15.50 -17.10
N ALA B 173 2.16 -15.32 -17.40
CA ALA B 173 3.12 -16.42 -17.23
C ALA B 173 3.16 -16.90 -15.77
N ARG B 174 3.10 -15.96 -14.83
CA ARG B 174 3.26 -16.39 -13.44
C ARG B 174 2.03 -17.16 -12.93
N LEU B 175 0.83 -16.69 -13.29
CA LEU B 175 -0.40 -17.38 -12.90
C LEU B 175 -0.52 -18.74 -13.60
N LYS B 176 -0.17 -18.81 -14.88
CA LYS B 176 -0.31 -20.10 -15.56
C LYS B 176 0.69 -21.13 -15.00
N GLN B 177 1.90 -20.69 -14.71
CA GLN B 177 2.89 -21.58 -14.14
C GLN B 177 2.56 -21.95 -12.70
N LEU B 178 1.66 -21.18 -12.07
CA LEU B 178 1.16 -21.42 -10.71
C LEU B 178 0.09 -22.52 -10.69
N LYS B 179 -0.51 -22.82 -11.84
CA LYS B 179 -1.60 -23.82 -11.86
C LYS B 179 -1.25 -25.17 -11.20
N PRO B 180 -0.12 -25.79 -11.59
CA PRO B 180 0.22 -27.08 -10.97
C PRO B 180 0.44 -26.97 -9.47
N LYS B 181 1.04 -25.87 -9.02
CA LYS B 181 1.22 -25.66 -7.58
C LYS B 181 -0.11 -25.52 -6.81
N VAL B 182 -1.05 -24.75 -7.33
CA VAL B 182 -2.37 -24.63 -6.72
C VAL B 182 -3.08 -25.98 -6.77
N ASN B 183 -2.95 -26.73 -7.87
CA ASN B 183 -3.62 -28.04 -7.94
C ASN B 183 -3.06 -28.98 -6.88
N GLU B 184 -1.75 -28.95 -6.68
CA GLU B 184 -1.11 -29.82 -5.71
C GLU B 184 -1.52 -29.44 -4.29
N HIS B 185 -1.52 -28.13 -4.03
CA HIS B 185 -1.91 -27.58 -2.74
C HIS B 185 -3.34 -27.93 -2.37
N VAL B 186 -4.25 -27.75 -3.33
CA VAL B 186 -5.65 -28.08 -3.10
C VAL B 186 -5.82 -29.58 -2.81
N GLU B 187 -5.15 -30.42 -3.59
CA GLU B 187 -5.22 -31.88 -3.35
C GLU B 187 -4.74 -32.23 -1.94
N LEU B 188 -3.62 -31.66 -1.56
CA LEU B 188 -3.04 -31.87 -0.23
CA LEU B 188 -3.06 -31.91 -0.24
C LEU B 188 -3.99 -31.43 0.88
N MET B 189 -4.51 -30.20 0.78
CA MET B 189 -5.41 -29.66 1.81
C MET B 189 -6.67 -30.51 1.94
N ILE B 190 -7.25 -30.90 0.80
CA ILE B 190 -8.49 -31.69 0.83
C ILE B 190 -8.23 -33.03 1.53
N GLY B 191 -7.09 -33.66 1.22
CA GLY B 191 -6.75 -34.91 1.86
C GLY B 191 -6.61 -34.78 3.36
N LEU B 192 -5.93 -33.71 3.80
CA LEU B 192 -5.75 -33.48 5.23
C LEU B 192 -7.07 -33.19 5.93
N ILE B 193 -7.94 -32.42 5.27
CA ILE B 193 -9.22 -32.08 5.89
C ILE B 193 -10.01 -33.37 6.09
N GLU B 194 -10.02 -34.23 5.08
CA GLU B 194 -10.67 -35.53 5.21
C GLU B 194 -10.03 -36.42 6.26
N ASP B 195 -8.69 -36.39 6.35
CA ASP B 195 -7.95 -37.20 7.31
C ASP B 195 -8.22 -36.86 8.76
N LYS B 196 -8.70 -35.66 9.04
CA LYS B 196 -8.92 -35.26 10.44
C LYS B 196 -9.99 -36.15 11.07
N GLY B 197 -10.87 -36.69 10.25
CA GLY B 197 -11.90 -37.60 10.73
C GLY B 197 -12.98 -36.93 11.55
N LEU B 198 -13.36 -35.71 11.19
CA LEU B 198 -14.48 -35.03 11.86
C LEU B 198 -15.73 -35.89 11.76
N PRO B 199 -16.62 -35.82 12.77
CA PRO B 199 -17.77 -36.74 12.72
C PRO B 199 -18.67 -36.49 11.52
N GLU B 200 -19.22 -37.59 11.01
CA GLU B 200 -20.17 -37.47 9.91
C GLU B 200 -21.34 -36.58 10.31
N GLY B 201 -21.66 -35.62 9.44
CA GLY B 201 -22.81 -34.75 9.63
C GLY B 201 -22.51 -33.45 10.36
N LEU B 202 -21.25 -33.28 10.80
CA LEU B 202 -20.89 -32.10 11.60
C LEU B 202 -21.17 -30.81 10.83
N GLY B 203 -21.99 -29.93 11.42
CA GLY B 203 -22.32 -28.65 10.81
C GLY B 203 -23.35 -28.64 9.69
N VAL B 204 -23.99 -29.77 9.46
CA VAL B 204 -24.99 -29.83 8.38
C VAL B 204 -26.26 -29.13 8.87
N HIS B 205 -26.79 -28.22 8.07
CA HIS B 205 -27.99 -27.47 8.43
C HIS B 205 -28.92 -27.41 7.24
N ASN B 206 -30.09 -26.82 7.44
CA ASN B 206 -31.08 -26.71 6.39
C ASN B 206 -31.28 -25.28 5.89
N GLN B 207 -30.31 -24.42 6.13
CA GLN B 207 -30.45 -23.02 5.69
C GLN B 207 -30.14 -22.87 4.19
N PRO B 208 -30.75 -21.86 3.55
CA PRO B 208 -30.43 -21.62 2.14
C PRO B 208 -28.96 -21.28 1.89
N THR B 209 -28.52 -21.59 0.68
CA THR B 209 -27.21 -21.18 0.17
C THR B 209 -27.45 -19.97 -0.74
N LEU B 210 -26.89 -18.83 -0.36
CA LEU B 210 -27.12 -17.58 -1.10
C LEU B 210 -25.86 -17.18 -1.87
N ALA B 211 -26.00 -17.03 -3.18
CA ALA B 211 -24.89 -16.72 -4.06
C ALA B 211 -25.43 -16.10 -5.32
N SER B 212 -24.75 -15.04 -5.80
CA SER B 212 -25.23 -14.25 -6.94
C SER B 212 -24.55 -14.64 -8.25
N HIS B 213 -23.39 -15.29 -8.15
CA HIS B 213 -22.57 -15.58 -9.33
C HIS B 213 -21.49 -16.62 -8.95
N GLN B 214 -20.88 -17.28 -9.94
CA GLN B 214 -19.87 -18.29 -9.61
C GLN B 214 -18.53 -17.70 -9.17
N ILE B 215 -18.23 -16.45 -9.56
CA ILE B 215 -16.89 -15.95 -9.26
C ILE B 215 -16.74 -14.41 -9.22
N TYR B 216 -17.69 -13.64 -9.74
CA TYR B 216 -17.54 -12.16 -9.63
C TYR B 216 -18.68 -11.53 -8.86
N GLY B 217 -19.89 -11.63 -9.39
CA GLY B 217 -21.05 -11.02 -8.74
C GLY B 217 -22.13 -10.68 -9.76
N ASP B 218 -23.37 -10.53 -9.31
CA ASP B 218 -24.45 -10.23 -10.25
C ASP B 218 -25.58 -9.59 -9.48
N ARG B 219 -25.72 -8.27 -9.61
CA ARG B 219 -26.77 -7.56 -8.89
C ARG B 219 -28.18 -8.02 -9.29
N THR B 220 -28.35 -8.59 -10.48
CA THR B 220 -29.71 -9.01 -10.88
C THR B 220 -30.15 -10.27 -10.16
N LYS B 221 -29.24 -10.91 -9.40
CA LYS B 221 -29.60 -12.11 -8.67
C LYS B 221 -29.82 -11.80 -7.18
N PHE B 222 -29.65 -10.54 -6.79
CA PHE B 222 -29.97 -10.16 -5.43
C PHE B 222 -31.34 -9.47 -5.42
N ASP B 223 -32.35 -10.19 -4.94
CA ASP B 223 -33.75 -9.77 -5.07
C ASP B 223 -34.21 -9.00 -3.84
N LEU B 224 -34.44 -7.69 -3.99
CA LEU B 224 -34.88 -6.91 -2.84
C LEU B 224 -36.28 -7.30 -2.36
N ASP B 225 -37.04 -8.04 -3.17
CA ASP B 225 -38.34 -8.54 -2.70
C ASP B 225 -38.16 -9.74 -1.78
N ARG B 226 -36.93 -10.21 -1.66
CA ARG B 226 -36.66 -11.36 -0.79
C ARG B 226 -35.78 -11.01 0.39
N PHE B 227 -35.16 -9.84 0.32
CA PHE B 227 -34.19 -9.44 1.35
C PHE B 227 -34.86 -8.63 2.46
N THR B 228 -34.54 -8.95 3.72
CA THR B 228 -34.91 -8.08 4.84
C THR B 228 -33.73 -8.04 5.83
N GLU B 229 -33.76 -7.07 6.73
CA GLU B 229 -32.69 -6.93 7.72
C GLU B 229 -33.30 -6.61 9.08
N ILE B 230 -32.96 -7.39 10.10
CA ILE B 230 -33.44 -7.11 11.45
C ILE B 230 -32.22 -6.96 12.35
N MET B 231 -32.46 -6.68 13.62
CA MET B 231 -31.36 -6.40 14.54
C MET B 231 -31.25 -7.54 15.54
N PRO B 232 -30.11 -7.65 16.24
CA PRO B 232 -29.95 -8.75 17.20
C PRO B 232 -31.06 -8.79 18.25
N GLU B 233 -31.62 -7.63 18.60
CA GLU B 233 -32.64 -7.59 19.64
C GLU B 233 -33.90 -8.35 19.22
N SER B 234 -34.14 -8.50 17.92
CA SER B 234 -35.26 -9.34 17.52
C SER B 234 -34.83 -10.71 16.93
N TRP B 235 -33.54 -11.05 17.10
CA TRP B 235 -33.03 -12.34 16.62
C TRP B 235 -32.65 -13.29 17.78
N TYR B 236 -31.70 -12.88 18.60
CA TYR B 236 -31.19 -13.72 19.68
C TYR B 236 -32.21 -13.81 20.82
N ASP B 237 -32.38 -15.00 21.40
CA ASP B 237 -33.41 -15.09 22.44
C ASP B 237 -32.86 -14.96 23.87
N ASP B 238 -31.55 -14.75 24.00
CA ASP B 238 -30.96 -14.37 25.30
C ASP B 238 -30.75 -12.85 25.25
N PRO B 239 -31.44 -12.10 26.14
CA PRO B 239 -31.38 -10.64 26.01
C PRO B 239 -30.00 -10.03 26.27
N GLU B 240 -29.20 -10.61 27.16
CA GLU B 240 -27.83 -10.14 27.35
C GLU B 240 -27.01 -10.30 26.07
N ILE B 241 -27.17 -11.44 25.39
CA ILE B 241 -26.44 -11.64 24.15
C ILE B 241 -26.98 -10.67 23.09
N ALA B 242 -28.30 -10.56 23.01
CA ALA B 242 -28.90 -9.71 21.99
C ALA B 242 -28.42 -8.26 22.12
N LYS B 243 -28.17 -7.79 23.35
CA LYS B 243 -27.69 -6.42 23.57
C LYS B 243 -26.21 -6.26 23.23
N ARG B 244 -25.42 -7.32 23.48
CA ARG B 244 -23.97 -7.28 23.17
C ARG B 244 -23.62 -7.42 21.69
N ALA B 245 -24.47 -8.11 20.94
CA ALA B 245 -24.15 -8.45 19.55
C ALA B 245 -23.92 -7.19 18.70
N CYS B 246 -22.87 -7.19 17.89
CA CYS B 246 -22.49 -5.96 17.22
C CYS B 246 -22.89 -5.90 15.75
N SER B 247 -23.34 -7.01 15.17
CA SER B 247 -23.66 -7.04 13.73
C SER B 247 -25.18 -7.12 13.53
N THR B 248 -25.66 -6.67 12.37
CA THR B 248 -27.08 -6.82 12.03
C THR B 248 -27.39 -8.23 11.52
N ILE B 249 -28.67 -8.52 11.31
CA ILE B 249 -29.11 -9.85 10.93
C ILE B 249 -29.84 -9.78 9.59
N PRO B 250 -29.10 -9.98 8.49
CA PRO B 250 -29.77 -9.96 7.19
C PRO B 250 -30.39 -11.32 6.89
N LEU B 251 -31.55 -11.31 6.23
CA LEU B 251 -32.35 -12.50 5.95
C LEU B 251 -32.75 -12.57 4.49
N TYR B 252 -33.01 -13.79 3.99
CA TYR B 252 -33.50 -13.97 2.63
C TYR B 252 -34.68 -14.91 2.72
N ASP B 253 -35.80 -14.51 2.13
CA ASP B 253 -37.07 -15.24 2.28
C ASP B 253 -37.39 -15.44 3.76
N GLY B 254 -37.09 -14.42 4.56
CA GLY B 254 -37.43 -14.42 5.98
C GLY B 254 -36.56 -15.33 6.84
N ARG B 255 -35.51 -15.87 6.26
CA ARG B 255 -34.69 -16.88 6.93
C ARG B 255 -33.21 -16.56 6.87
N ASN B 256 -32.44 -17.08 7.82
CA ASN B 256 -30.98 -16.90 7.80
C ASN B 256 -30.33 -17.87 6.81
N VAL B 257 -29.19 -17.47 6.26
CA VAL B 257 -28.59 -18.23 5.15
C VAL B 257 -27.12 -18.55 5.37
N GLU B 258 -26.56 -19.31 4.42
CA GLU B 258 -25.12 -19.53 4.32
C GLU B 258 -24.65 -18.94 3.00
N VAL B 259 -23.57 -18.16 3.08
CA VAL B 259 -22.88 -17.63 1.90
C VAL B 259 -21.45 -18.17 1.87
N GLY B 260 -20.78 -18.03 0.72
CA GLY B 260 -19.38 -18.39 0.64
C GLY B 260 -19.11 -19.41 -0.44
N PRO B 261 -17.89 -19.99 -0.43
CA PRO B 261 -17.51 -20.90 -1.51
C PRO B 261 -18.47 -22.07 -1.66
N ARG B 262 -18.88 -22.67 -0.55
CA ARG B 262 -19.78 -23.81 -0.68
C ARG B 262 -21.09 -23.33 -1.30
N ALA B 263 -21.56 -22.14 -0.89
CA ALA B 263 -22.81 -21.63 -1.44
C ALA B 263 -22.69 -21.46 -2.95
N ARG B 264 -21.58 -20.87 -3.39
CA ARG B 264 -21.37 -20.67 -4.84
C ARG B 264 -21.25 -22.01 -5.55
N MET B 265 -20.54 -22.96 -4.93
CA MET B 265 -20.36 -24.28 -5.54
C MET B 265 -21.69 -25.03 -5.66
N VAL B 266 -22.56 -24.87 -4.67
CA VAL B 266 -23.87 -25.48 -4.72
C VAL B 266 -24.74 -24.82 -5.78
N GLU B 267 -24.76 -23.49 -5.79
CA GLU B 267 -25.65 -22.81 -6.71
C GLU B 267 -25.15 -22.79 -8.17
N PHE B 268 -23.84 -22.86 -8.38
CA PHE B 268 -23.29 -22.67 -9.73
C PHE B 268 -22.46 -23.85 -10.25
N GLN B 269 -21.98 -24.71 -9.36
CA GLN B 269 -21.11 -25.80 -9.81
C GLN B 269 -21.62 -27.20 -9.43
N GLY B 270 -22.88 -27.30 -9.06
CA GLY B 270 -23.48 -28.61 -8.88
C GLY B 270 -22.93 -29.36 -7.68
N PHE B 271 -22.35 -28.65 -6.73
CA PHE B 271 -21.77 -29.29 -5.52
C PHE B 271 -22.91 -29.75 -4.60
N LYS B 272 -22.80 -30.96 -4.06
CA LYS B 272 -23.91 -31.54 -3.30
C LYS B 272 -23.57 -31.87 -1.87
N GLU B 273 -22.36 -31.54 -1.44
CA GLU B 273 -21.96 -31.88 -0.07
C GLU B 273 -22.28 -30.74 0.89
N ARG B 274 -22.57 -31.09 2.15
CA ARG B 274 -23.07 -30.17 3.16
C ARG B 274 -22.24 -30.28 4.45
N GLY B 275 -22.06 -29.19 5.17
CA GLY B 275 -21.46 -29.27 6.50
C GLY B 275 -20.01 -28.82 6.52
N VAL B 276 -19.33 -29.04 7.63
CA VAL B 276 -17.98 -28.48 7.85
C VAL B 276 -16.95 -28.93 6.82
N VAL B 277 -16.82 -30.24 6.66
CA VAL B 277 -15.84 -30.75 5.70
C VAL B 277 -16.15 -30.22 4.30
N ALA B 278 -17.42 -30.28 3.89
CA ALA B 278 -17.85 -29.72 2.59
C ALA B 278 -17.48 -28.26 2.40
N GLN B 279 -17.60 -27.47 3.46
CA GLN B 279 -17.26 -26.06 3.37
C GLN B 279 -15.78 -25.85 3.06
N HIS B 280 -14.91 -26.60 3.73
CA HIS B 280 -13.46 -26.51 3.47
C HIS B 280 -13.14 -27.02 2.07
N VAL B 281 -13.75 -28.15 1.71
CA VAL B 281 -13.48 -28.73 0.40
C VAL B 281 -13.91 -27.76 -0.71
N ALA B 282 -15.11 -27.18 -0.60
CA ALA B 282 -15.56 -26.22 -1.59
C ALA B 282 -14.61 -25.05 -1.74
N ARG B 283 -14.17 -24.50 -0.62
CA ARG B 283 -13.24 -23.37 -0.61
C ARG B 283 -11.91 -23.72 -1.33
N ALA B 284 -11.36 -24.91 -1.05
CA ALA B 284 -10.11 -25.31 -1.69
C ALA B 284 -10.32 -25.46 -3.22
N LEU B 285 -11.40 -26.12 -3.60
CA LEU B 285 -11.67 -26.33 -5.02
C LEU B 285 -11.88 -25.00 -5.74
N GLU B 286 -12.41 -24.01 -5.04
CA GLU B 286 -12.67 -22.73 -5.70
C GLU B 286 -11.37 -21.99 -6.10
N MET B 287 -10.26 -22.36 -5.48
CA MET B 287 -8.97 -21.80 -5.88
C MET B 287 -8.68 -22.13 -7.35
N LYS B 288 -9.10 -23.32 -7.79
CA LYS B 288 -8.92 -23.74 -9.20
C LYS B 288 -9.72 -22.84 -10.11
N THR B 289 -10.98 -22.62 -9.72
CA THR B 289 -11.90 -21.76 -10.45
C THR B 289 -11.34 -20.35 -10.58
N ALA B 290 -10.90 -19.81 -9.45
CA ALA B 290 -10.44 -18.42 -9.40
C ALA B 290 -9.18 -18.25 -10.22
N LEU B 291 -8.22 -19.16 -10.06
CA LEU B 291 -6.98 -18.99 -10.81
C LEU B 291 -7.21 -19.16 -12.31
N SER B 292 -8.06 -20.12 -12.69
CA SER B 292 -8.31 -20.35 -14.12
C SER B 292 -8.94 -19.10 -14.72
N ARG B 293 -9.88 -18.50 -14.01
CA ARG B 293 -10.54 -17.29 -14.56
C ARG B 293 -9.56 -16.13 -14.72
N ALA B 294 -8.66 -15.92 -13.75
CA ALA B 294 -7.71 -14.81 -13.84
C ALA B 294 -6.80 -14.99 -15.06
N ILE B 295 -6.38 -16.21 -15.30
CA ILE B 295 -5.50 -16.51 -16.44
C ILE B 295 -6.19 -16.15 -17.76
N GLU B 296 -7.46 -16.52 -17.87
CA GLU B 296 -8.20 -16.24 -19.09
C GLU B 296 -8.43 -14.76 -19.32
N ILE B 297 -8.62 -14.00 -18.24
CA ILE B 297 -8.84 -12.57 -18.37
C ILE B 297 -7.56 -11.92 -18.86
N LEU B 298 -6.42 -12.36 -18.33
CA LEU B 298 -5.13 -11.79 -18.73
C LEU B 298 -4.88 -12.08 -20.21
N ASP B 299 -5.31 -13.25 -20.67
CA ASP B 299 -5.20 -13.57 -22.10
C ASP B 299 -6.04 -12.63 -22.97
N GLU B 300 -7.24 -12.29 -22.50
CA GLU B 300 -8.22 -11.52 -23.26
C GLU B 300 -7.92 -10.01 -23.28
N LEU B 301 -7.32 -9.51 -22.20
CA LEU B 301 -7.26 -8.07 -21.94
C LEU B 301 -6.60 -7.25 -23.04
N ASP B 302 -7.26 -6.15 -23.44
CA ASP B 302 -6.69 -5.19 -24.37
C ASP B 302 -6.05 -4.06 -23.57
N THR B 303 -4.72 -4.05 -23.48
CA THR B 303 -4.04 -3.03 -22.69
C THR B 303 -4.11 -1.63 -23.29
N SER B 304 -4.55 -1.52 -24.54
CA SER B 304 -4.61 -0.20 -25.14
C SER B 304 -5.99 0.48 -24.99
N ALA B 305 -6.94 -0.24 -24.42
CA ALA B 305 -8.34 0.20 -24.40
C ALA B 305 -8.64 1.03 -23.16
N PRO B 306 -9.70 1.86 -23.20
CA PRO B 306 -10.09 2.66 -22.02
C PRO B 306 -10.51 1.79 -20.85
N VAL B 307 -10.32 2.26 -19.63
CA VAL B 307 -10.72 1.51 -18.44
C VAL B 307 -11.68 2.30 -17.56
N ARG B 308 -11.97 3.54 -17.93
CA ARG B 308 -12.80 4.35 -17.04
C ARG B 308 -13.75 5.24 -17.84
N ALA B 309 -15.01 5.24 -17.43
CA ALA B 309 -16.01 6.11 -18.03
C ALA B 309 -15.99 7.49 -17.39
N ASP B 310 -16.36 8.50 -18.17
CA ASP B 310 -16.72 9.81 -17.63
C ASP B 310 -18.05 9.70 -16.94
N PHE B 311 -18.27 10.55 -15.95
CA PHE B 311 -19.54 10.52 -15.23
C PHE B 311 -19.76 11.83 -14.50
N ASP B 312 -21.03 12.17 -14.39
CA ASP B 312 -21.55 13.27 -13.59
C ASP B 312 -21.84 12.74 -12.18
N GLU B 313 -21.15 13.22 -11.16
CA GLU B 313 -21.29 12.62 -9.84
C GLU B 313 -22.44 13.18 -8.99
N ARG B 314 -23.24 14.09 -9.54
CA ARG B 314 -24.33 14.67 -8.74
C ARG B 314 -25.38 13.64 -8.32
N GLY B 315 -25.73 12.75 -9.25
CA GLY B 315 -26.73 11.73 -8.97
C GLY B 315 -28.16 12.19 -9.13
N THR B 316 -29.09 11.25 -9.00
CA THR B 316 -30.51 11.52 -9.18
C THR B 316 -31.33 10.91 -8.06
N GLY B 317 -30.65 10.46 -7.01
CA GLY B 317 -31.34 9.75 -5.93
C GLY B 317 -31.69 8.29 -6.19
N LYS B 318 -31.03 7.69 -7.17
CA LYS B 318 -31.27 6.30 -7.50
C LYS B 318 -30.55 5.37 -6.53
N LEU B 319 -31.22 4.32 -6.05
CA LEU B 319 -30.57 3.33 -5.22
C LEU B 319 -29.73 2.42 -6.11
N GLY B 320 -28.44 2.37 -5.83
CA GLY B 320 -27.51 1.54 -6.58
C GLY B 320 -27.12 0.34 -5.75
N ILE B 321 -26.99 -0.82 -6.42
CA ILE B 321 -26.65 -2.08 -5.77
C ILE B 321 -25.34 -2.57 -6.29
N GLY B 322 -24.39 -2.88 -5.41
CA GLY B 322 -23.17 -3.53 -5.81
C GLY B 322 -23.16 -4.91 -5.16
N ALA B 323 -23.27 -5.98 -5.96
CA ALA B 323 -23.27 -7.34 -5.41
C ALA B 323 -22.02 -8.09 -5.86
N ILE B 324 -21.14 -8.36 -4.90
CA ILE B 324 -19.85 -8.98 -5.22
C ILE B 324 -19.70 -10.26 -4.45
N GLU B 325 -19.18 -11.28 -5.14
CA GLU B 325 -18.85 -12.52 -4.45
C GLU B 325 -17.48 -12.39 -3.84
N ALA B 326 -17.46 -11.97 -2.57
CA ALA B 326 -16.22 -11.95 -1.79
C ALA B 326 -15.75 -13.36 -1.54
N PRO B 327 -14.48 -13.52 -1.17
CA PRO B 327 -14.05 -14.89 -0.86
C PRO B 327 -14.93 -15.59 0.19
N ARG B 328 -15.47 -14.85 1.16
CA ARG B 328 -16.30 -15.46 2.19
C ARG B 328 -17.80 -15.50 1.85
N GLY B 329 -18.19 -14.92 0.72
CA GLY B 329 -19.58 -14.95 0.31
C GLY B 329 -20.11 -13.64 -0.24
N LEU B 330 -21.40 -13.63 -0.52
CA LEU B 330 -22.03 -12.46 -1.10
C LEU B 330 -21.88 -11.20 -0.24
N ASP B 331 -21.33 -10.16 -0.86
CA ASP B 331 -21.03 -8.88 -0.24
C ASP B 331 -21.85 -7.83 -0.98
N VAL B 332 -22.94 -7.36 -0.39
CA VAL B 332 -23.80 -6.37 -1.07
C VAL B 332 -23.60 -5.02 -0.44
N HIS B 333 -23.30 -4.01 -1.25
CA HIS B 333 -23.30 -2.63 -0.77
C HIS B 333 -24.41 -1.95 -1.49
N MET B 334 -25.14 -1.08 -0.80
CA MET B 334 -26.21 -0.30 -1.45
C MET B 334 -25.89 1.16 -1.22
N ALA B 335 -25.99 1.97 -2.27
CA ALA B 335 -25.60 3.36 -2.14
C ALA B 335 -26.55 4.23 -2.92
N LYS B 336 -26.92 5.36 -2.35
CA LYS B 336 -27.78 6.31 -3.06
C LYS B 336 -27.03 7.61 -3.17
N VAL B 337 -26.74 8.06 -4.40
CA VAL B 337 -26.07 9.36 -4.57
C VAL B 337 -27.07 10.43 -4.98
N GLU B 338 -27.06 11.58 -4.30
CA GLU B 338 -27.88 12.72 -4.75
C GLU B 338 -27.23 13.99 -4.23
N ASN B 339 -27.32 15.07 -5.00
CA ASN B 339 -26.70 16.35 -4.64
C ASN B 339 -25.20 16.14 -4.39
N GLY B 340 -24.63 15.23 -5.16
CA GLY B 340 -23.20 14.93 -5.15
C GLY B 340 -22.72 14.35 -3.84
N LYS B 341 -23.63 13.79 -3.04
CA LYS B 341 -23.25 13.17 -1.76
C LYS B 341 -23.88 11.79 -1.61
N ILE B 342 -23.29 10.97 -0.74
CA ILE B 342 -23.88 9.69 -0.36
C ILE B 342 -25.03 9.97 0.61
N GLN B 343 -26.26 9.76 0.15
CA GLN B 343 -27.46 10.02 0.96
C GLN B 343 -27.86 8.81 1.83
N PHE B 344 -27.45 7.63 1.38
CA PHE B 344 -27.76 6.36 2.03
C PHE B 344 -26.67 5.38 1.67
N TYR B 345 -26.24 4.58 2.66
CA TYR B 345 -25.27 3.52 2.43
C TYR B 345 -25.53 2.38 3.39
N SER B 346 -25.55 1.15 2.87
CA SER B 346 -25.65 -0.04 3.69
C SER B 346 -24.81 -1.15 3.08
N ALA B 347 -24.09 -1.85 3.96
CA ALA B 347 -23.31 -3.02 3.57
C ALA B 347 -23.81 -4.26 4.32
N LEU B 348 -24.10 -5.29 3.54
CA LEU B 348 -24.49 -6.62 4.00
C LEU B 348 -23.37 -7.57 3.60
N VAL B 349 -22.46 -7.83 4.53
CA VAL B 349 -21.16 -8.44 4.25
C VAL B 349 -21.24 -9.95 4.55
N PRO B 350 -20.44 -10.79 3.85
CA PRO B 350 -20.69 -12.23 3.97
C PRO B 350 -20.76 -12.75 5.41
N THR B 351 -19.81 -12.38 6.26
CA THR B 351 -19.84 -12.98 7.60
C THR B 351 -21.05 -12.43 8.36
N THR B 352 -21.51 -11.22 8.00
CA THR B 352 -22.77 -10.72 8.57
C THR B 352 -23.89 -11.73 8.30
N TRP B 353 -23.98 -12.20 7.05
CA TRP B 353 -25.00 -13.20 6.71
C TRP B 353 -24.79 -14.50 7.49
N ASN B 354 -23.54 -14.94 7.57
CA ASN B 354 -23.26 -16.26 8.12
C ASN B 354 -23.46 -16.35 9.64
N ILE B 355 -23.19 -15.27 10.35
CA ILE B 355 -23.22 -15.35 11.82
C ILE B 355 -24.49 -15.98 12.43
N PRO B 356 -25.70 -15.60 11.97
CA PRO B 356 -26.87 -16.25 12.59
C PRO B 356 -26.97 -17.78 12.34
N THR B 357 -26.33 -18.24 11.28
CA THR B 357 -26.34 -19.65 10.88
C THR B 357 -25.30 -20.44 11.66
N MET B 358 -24.19 -19.77 11.99
CA MET B 358 -23.03 -20.47 12.57
C MET B 358 -23.23 -21.07 13.96
N GLY B 359 -23.90 -20.34 14.86
CA GLY B 359 -24.15 -20.81 16.22
C GLY B 359 -24.96 -22.09 16.22
N PRO B 360 -26.15 -22.06 15.61
CA PRO B 360 -26.98 -23.26 15.55
C PRO B 360 -26.32 -24.46 14.84
N ALA B 361 -25.37 -24.20 13.94
CA ALA B 361 -24.71 -25.28 13.23
C ALA B 361 -23.74 -26.06 14.13
N THR B 362 -23.47 -25.57 15.34
CA THR B 362 -22.68 -26.36 16.33
C THR B 362 -23.54 -27.38 17.08
N GLU B 363 -24.87 -27.29 16.96
CA GLU B 363 -25.73 -28.13 17.79
C GLU B 363 -25.71 -29.59 17.34
N GLY B 364 -25.79 -30.49 18.31
CA GLY B 364 -25.88 -31.92 18.02
C GLY B 364 -24.55 -32.66 18.11
N PHE B 365 -23.45 -31.94 18.32
CA PHE B 365 -22.13 -32.57 18.46
C PHE B 365 -21.41 -32.03 19.71
N HIS B 366 -20.41 -32.75 20.19
CA HIS B 366 -19.64 -32.31 21.35
C HIS B 366 -19.11 -30.88 21.15
N HIS B 367 -19.07 -30.10 22.24
CA HIS B 367 -18.69 -28.68 22.15
C HIS B 367 -17.25 -28.52 21.69
N GLU B 368 -16.43 -29.56 21.83
CA GLU B 368 -15.06 -29.47 21.30
C GLU B 368 -15.02 -29.35 19.78
N TYR B 369 -16.09 -29.76 19.11
CA TYR B 369 -16.21 -29.57 17.65
C TYR B 369 -16.73 -28.19 17.27
N GLY B 370 -17.37 -27.51 18.22
CA GLY B 370 -17.92 -26.18 17.99
C GLY B 370 -16.96 -25.20 17.31
N PRO B 371 -15.73 -25.05 17.85
CA PRO B 371 -14.79 -24.13 17.20
C PRO B 371 -14.48 -24.53 15.74
N HIS B 372 -14.56 -25.82 15.43
CA HIS B 372 -14.27 -26.26 14.07
C HIS B 372 -15.43 -25.93 13.14
N VAL B 373 -16.64 -25.96 13.68
CA VAL B 373 -17.79 -25.52 12.92
C VAL B 373 -17.63 -24.05 12.55
N ILE B 374 -17.19 -23.24 13.50
CA ILE B 374 -16.98 -21.81 13.27
C ILE B 374 -15.94 -21.54 12.17
N ARG B 375 -14.78 -22.18 12.26
CA ARG B 375 -13.72 -21.87 11.30
C ARG B 375 -14.05 -22.29 9.88
N ALA B 376 -14.94 -23.26 9.73
CA ALA B 376 -15.37 -23.70 8.39
C ALA B 376 -15.97 -22.57 7.54
N TYR B 377 -16.56 -21.59 8.22
CA TYR B 377 -17.13 -20.41 7.57
C TYR B 377 -16.09 -19.35 7.21
N ASP B 378 -14.83 -19.56 7.61
CA ASP B 378 -13.79 -18.55 7.37
C ASP B 378 -14.27 -17.16 7.83
N PRO B 379 -14.74 -17.05 9.08
CA PRO B 379 -15.42 -15.81 9.46
C PRO B 379 -14.48 -14.61 9.56
N CYS B 380 -15.04 -13.46 9.25
CA CYS B 380 -14.32 -12.21 9.31
C CYS B 380 -15.18 -11.21 10.06
N LEU B 381 -14.75 -10.85 11.28
CA LEU B 381 -15.64 -10.13 12.19
C LEU B 381 -15.51 -8.62 11.98
N SER B 382 -14.37 -8.13 11.52
CA SER B 382 -14.30 -6.72 11.13
C SER B 382 -15.22 -6.52 9.92
N CYS B 383 -15.20 -7.46 8.99
CA CYS B 383 -16.19 -7.50 7.91
C CYS B 383 -17.63 -7.55 8.37
N ALA B 384 -17.95 -8.49 9.25
CA ALA B 384 -19.31 -8.65 9.74
C ALA B 384 -19.90 -7.38 10.36
N THR B 385 -19.03 -6.58 10.97
CA THR B 385 -19.47 -5.51 11.85
C THR B 385 -19.40 -4.14 11.17
N HIS B 386 -18.29 -3.91 10.46
CA HIS B 386 -18.03 -2.68 9.71
C HIS B 386 -18.50 -1.41 10.44
N VAL C 2 34.36 16.84 0.38
CA VAL C 2 33.14 17.59 0.14
C VAL C 2 32.36 17.02 -1.03
N LEU C 3 32.83 15.91 -1.57
CA LEU C 3 32.23 15.30 -2.75
C LEU C 3 31.52 14.00 -2.41
N GLY C 4 31.45 13.65 -1.13
CA GLY C 4 30.83 12.42 -0.73
C GLY C 4 31.74 11.24 -1.03
N THR C 5 31.20 10.04 -0.84
CA THR C 5 31.96 8.81 -1.03
C THR C 5 31.90 8.44 -2.50
N TYR C 6 33.05 8.14 -3.11
CA TYR C 6 33.04 7.72 -4.52
C TYR C 6 34.14 6.73 -4.86
N LYS C 7 34.01 6.08 -6.02
CA LYS C 7 34.98 5.09 -6.46
C LYS C 7 35.90 5.68 -7.51
N GLU C 8 35.33 6.42 -8.45
CA GLU C 8 36.12 7.04 -9.50
C GLU C 8 35.44 8.30 -10.02
N ILE C 9 36.24 9.28 -10.45
CA ILE C 9 35.74 10.47 -11.11
C ILE C 9 36.43 10.62 -12.47
N VAL C 10 35.62 10.76 -13.53
CA VAL C 10 36.13 10.92 -14.88
C VAL C 10 35.38 12.04 -15.59
N SER C 11 35.93 12.49 -16.71
CA SER C 11 35.20 13.33 -17.66
C SER C 11 34.69 12.42 -18.78
N ALA C 12 33.41 12.56 -19.16
CA ALA C 12 32.86 11.64 -20.16
C ALA C 12 31.83 12.26 -21.08
N ARG C 13 31.66 11.61 -22.22
CA ARG C 13 30.72 12.07 -23.26
CA ARG C 13 30.73 12.06 -23.25
C ARG C 13 30.15 10.86 -23.98
N SER C 14 28.85 10.88 -24.26
CA SER C 14 28.22 9.81 -25.04
C SER C 14 28.87 9.75 -26.42
N THR C 15 28.97 8.55 -27.01
CA THR C 15 29.49 8.41 -28.38
C THR C 15 28.38 8.35 -29.40
N ASP C 16 27.14 8.39 -28.92
CA ASP C 16 25.97 8.36 -29.78
C ASP C 16 25.67 9.76 -30.26
N ARG C 17 25.76 9.97 -31.57
CA ARG C 17 25.54 11.29 -32.13
C ARG C 17 24.11 11.79 -31.93
N GLU C 18 23.12 10.91 -31.96
CA GLU C 18 21.76 11.35 -31.66
C GLU C 18 21.69 11.89 -30.22
N ILE C 19 22.34 11.20 -29.30
CA ILE C 19 22.27 11.62 -27.90
C ILE C 19 23.08 12.91 -27.73
N GLN C 20 24.21 13.00 -28.42
CA GLN C 20 25.03 14.22 -28.37
C GLN C 20 24.22 15.46 -28.78
N LYS C 21 23.41 15.32 -29.82
CA LYS C 21 22.58 16.42 -30.31
C LYS C 21 21.53 16.89 -29.31
N LEU C 22 21.02 15.97 -28.48
CA LEU C 22 19.88 16.26 -27.62
C LEU C 22 20.29 16.61 -26.19
N ALA C 23 21.48 16.17 -25.80
CA ALA C 23 21.92 16.23 -24.39
C ALA C 23 22.22 17.62 -23.87
N GLN C 24 22.01 17.82 -22.57
CA GLN C 24 22.43 19.05 -21.93
C GLN C 24 23.95 19.20 -21.97
N ASP C 25 24.61 18.14 -21.58
CA ASP C 25 26.05 18.13 -21.42
C ASP C 25 26.63 16.94 -22.19
N GLY C 26 27.18 15.95 -21.48
CA GLY C 26 27.79 14.78 -22.13
C GLY C 26 26.79 13.69 -22.54
N GLY C 27 25.53 13.85 -22.15
CA GLY C 27 24.54 12.83 -22.46
C GLY C 27 24.72 11.58 -21.60
N ILE C 28 25.22 11.78 -20.39
CA ILE C 28 25.49 10.66 -19.51
C ILE C 28 24.17 10.05 -19.02
N VAL C 29 23.20 10.88 -18.68
CA VAL C 29 21.96 10.33 -18.16
C VAL C 29 21.22 9.56 -19.22
N THR C 30 21.01 10.19 -20.37
CA THR C 30 20.26 9.51 -21.45
C THR C 30 21.01 8.27 -21.95
N GLY C 31 22.31 8.40 -22.16
CA GLY C 31 23.15 7.29 -22.60
C GLY C 31 23.17 6.12 -21.62
N LEU C 32 23.25 6.41 -20.33
CA LEU C 32 23.36 5.34 -19.36
C LEU C 32 22.03 4.63 -19.12
N LEU C 33 20.94 5.39 -19.06
CA LEU C 33 19.62 4.80 -18.93
C LEU C 33 19.28 3.99 -20.17
N ALA C 34 19.71 4.50 -21.33
CA ALA C 34 19.44 3.79 -22.58
C ALA C 34 20.21 2.47 -22.63
N TYR C 35 21.44 2.50 -22.13
CA TYR C 35 22.25 1.29 -22.11
C TYR C 35 21.63 0.26 -21.17
N ALA C 36 21.27 0.70 -19.98
CA ALA C 36 20.66 -0.18 -18.96
C ALA C 36 19.37 -0.79 -19.48
N LEU C 37 18.57 0.02 -20.17
CA LEU C 37 17.31 -0.45 -20.77
C LEU C 37 17.58 -1.52 -21.84
N ASP C 38 18.50 -1.23 -22.77
CA ASP C 38 18.83 -2.18 -23.82
C ASP C 38 19.43 -3.48 -23.29
N GLU C 39 20.17 -3.39 -22.19
CA GLU C 39 20.77 -4.60 -21.61
C GLU C 39 19.82 -5.38 -20.69
N GLY C 40 18.66 -4.82 -20.41
CA GLY C 40 17.74 -5.43 -19.46
C GLY C 40 18.11 -5.25 -18.00
N ILE C 41 19.05 -4.34 -17.72
CA ILE C 41 19.37 -4.00 -16.33
C ILE C 41 18.19 -3.26 -15.71
N ILE C 42 17.53 -2.44 -16.52
CA ILE C 42 16.25 -1.85 -16.14
C ILE C 42 15.22 -2.13 -17.21
N GLU C 43 13.94 -1.99 -16.84
CA GLU C 43 12.83 -2.21 -17.77
C GLU C 43 12.13 -0.90 -18.11
N GLY C 44 12.52 0.15 -17.40
CA GLY C 44 11.96 1.48 -17.62
C GLY C 44 12.68 2.45 -16.72
N ALA C 45 12.46 3.74 -16.95
CA ALA C 45 13.03 4.74 -16.06
C ALA C 45 12.12 5.93 -15.90
N VAL C 46 12.11 6.54 -14.72
CA VAL C 46 11.32 7.76 -14.52
C VAL C 46 12.23 8.93 -14.89
N VAL C 47 11.74 9.80 -15.77
CA VAL C 47 12.48 10.95 -16.26
C VAL C 47 11.59 12.21 -16.32
N ALA C 48 12.22 13.36 -16.49
CA ALA C 48 11.47 14.62 -16.65
C ALA C 48 11.11 14.86 -18.11
N GLY C 49 9.93 14.41 -18.52
CA GLY C 49 9.52 14.49 -19.91
C GLY C 49 8.76 15.76 -20.22
N PRO C 50 8.38 15.95 -21.49
CA PRO C 50 7.68 17.18 -21.90
C PRO C 50 6.36 17.30 -21.16
N GLY C 51 5.93 18.53 -20.87
CA GLY C 51 4.69 18.78 -20.15
C GLY C 51 3.70 19.58 -20.99
N GLU C 52 2.86 20.37 -20.33
N GLU C 52 2.84 20.35 -20.33
CA GLU C 52 1.79 21.10 -21.01
CA GLU C 52 1.82 21.10 -21.05
C GLU C 52 2.14 22.57 -21.29
C GLU C 52 2.37 22.43 -21.56
N GLU C 53 3.27 23.03 -20.77
CA GLU C 53 3.82 24.34 -21.10
C GLU C 53 5.28 24.19 -21.52
N PHE C 54 5.78 25.10 -22.37
CA PHE C 54 7.19 25.06 -22.77
C PHE C 54 8.09 25.14 -21.54
N TRP C 55 9.08 24.23 -21.47
CA TRP C 55 10.07 24.18 -20.39
C TRP C 55 9.44 23.95 -19.01
N LYS C 56 8.27 23.31 -19.00
CA LYS C 56 7.61 22.96 -17.75
C LYS C 56 7.38 21.45 -17.78
N PRO C 57 8.39 20.67 -17.38
CA PRO C 57 8.35 19.23 -17.63
C PRO C 57 7.38 18.51 -16.70
N GLN C 58 7.06 17.27 -17.06
CA GLN C 58 6.28 16.39 -16.17
C GLN C 58 7.00 15.05 -16.06
N PRO C 59 7.09 14.52 -14.83
CA PRO C 59 7.67 13.18 -14.66
C PRO C 59 6.89 12.17 -15.47
N MET C 60 7.58 11.21 -16.03
CA MET C 60 6.93 10.19 -16.86
C MET C 60 7.79 8.92 -16.84
N VAL C 61 7.17 7.79 -17.12
CA VAL C 61 7.88 6.50 -17.11
C VAL C 61 8.29 6.16 -18.54
N ALA C 62 9.58 6.20 -18.83
CA ALA C 62 10.06 5.92 -20.18
C ALA C 62 10.37 4.45 -20.29
N MET C 63 9.92 3.80 -21.35
CA MET C 63 10.16 2.37 -21.53
C MET C 63 10.79 2.08 -22.89
N SER C 64 11.26 3.13 -23.57
CA SER C 64 12.01 3.00 -24.82
C SER C 64 13.11 4.05 -24.90
N SER C 65 14.10 3.82 -25.77
CA SER C 65 15.17 4.79 -25.99
C SER C 65 14.62 6.10 -26.53
N ASP C 66 13.63 6.01 -27.42
CA ASP C 66 12.97 7.21 -27.95
C ASP C 66 12.41 8.08 -26.83
N GLU C 67 11.77 7.45 -25.83
CA GLU C 67 11.18 8.21 -24.74
C GLU C 67 12.25 8.82 -23.83
N LEU C 68 13.35 8.09 -23.66
CA LEU C 68 14.49 8.62 -22.88
C LEU C 68 15.07 9.83 -23.59
N LYS C 69 15.25 9.70 -24.90
CA LYS C 69 15.79 10.79 -25.70
C LYS C 69 14.87 12.00 -25.68
N ALA C 70 13.56 11.78 -25.68
CA ALA C 70 12.61 12.90 -25.65
C ALA C 70 12.68 13.69 -24.33
N ALA C 71 13.28 13.09 -23.30
CA ALA C 71 13.39 13.73 -21.99
C ALA C 71 14.76 14.42 -21.80
N ALA C 72 15.67 14.26 -22.74
CA ALA C 72 17.03 14.78 -22.61
C ALA C 72 17.02 16.30 -22.53
N GLY C 73 18.06 16.87 -21.91
CA GLY C 73 18.15 18.32 -21.78
C GLY C 73 17.61 18.77 -20.44
N THR C 74 18.17 19.83 -19.87
CA THR C 74 17.77 20.32 -18.55
C THR C 74 16.64 21.35 -18.58
N LYS C 75 15.73 21.22 -17.63
CA LYS C 75 14.73 22.25 -17.38
C LYS C 75 14.95 22.75 -15.96
N TYR C 76 15.28 24.04 -15.79
CA TYR C 76 15.58 24.52 -14.44
C TYR C 76 14.31 24.92 -13.68
N THR C 77 13.36 23.99 -13.58
CA THR C 77 12.20 24.16 -12.74
C THR C 77 11.76 22.79 -12.23
N PHE C 78 10.66 22.75 -11.50
CA PHE C 78 10.29 21.53 -10.80
C PHE C 78 9.84 20.40 -11.71
N SER C 79 10.35 19.20 -11.46
CA SER C 79 9.81 17.97 -12.03
C SER C 79 9.92 16.97 -10.90
N PRO C 80 8.83 16.76 -10.15
CA PRO C 80 8.94 15.93 -8.94
C PRO C 80 9.02 14.46 -9.30
N ASN C 81 10.18 14.04 -9.79
CA ASN C 81 10.34 12.71 -10.38
C ASN C 81 10.00 11.57 -9.43
N VAL C 82 10.21 11.77 -8.13
CA VAL C 82 9.93 10.70 -7.19
C VAL C 82 8.47 10.31 -7.23
N MET C 83 7.57 11.23 -7.57
CA MET C 83 6.13 10.94 -7.54
C MET C 83 5.70 9.76 -8.44
N MET C 84 6.48 9.43 -9.47
CA MET C 84 6.06 8.39 -10.40
C MET C 84 6.67 7.01 -10.15
N LEU C 85 7.58 6.91 -9.19
CA LEU C 85 8.26 5.65 -8.91
C LEU C 85 7.30 4.53 -8.54
N LYS C 86 6.25 4.81 -7.77
CA LYS C 86 5.39 3.68 -7.42
C LYS C 86 4.48 3.28 -8.59
N LYS C 87 3.91 4.24 -9.32
CA LYS C 87 3.14 3.91 -10.51
C LYS C 87 3.97 2.98 -11.44
N ALA C 88 5.26 3.28 -11.52
CA ALA C 88 6.14 2.54 -12.42
C ALA C 88 6.21 1.08 -12.07
N VAL C 89 6.09 0.73 -10.78
CA VAL C 89 6.19 -0.69 -10.40
C VAL C 89 4.79 -1.31 -10.21
N ARG C 90 3.74 -0.51 -10.36
CA ARG C 90 2.39 -1.08 -10.31
C ARG C 90 1.90 -1.32 -11.74
N GLN C 91 1.08 -0.42 -12.29
CA GLN C 91 0.48 -0.73 -13.59
C GLN C 91 1.49 -0.83 -14.72
N TYR C 92 2.64 -0.16 -14.62
CA TYR C 92 3.63 -0.31 -15.72
C TYR C 92 4.34 -1.67 -15.67
N GLY C 93 4.25 -2.34 -14.52
CA GLY C 93 4.73 -3.72 -14.40
C GLY C 93 6.23 -3.89 -14.19
N ILE C 94 6.93 -2.77 -13.95
CA ILE C 94 8.39 -2.78 -13.92
C ILE C 94 8.94 -3.35 -12.61
N GLU C 95 9.89 -4.27 -12.71
CA GLU C 95 10.53 -4.84 -11.52
C GLU C 95 11.99 -4.45 -11.39
N LYS C 96 12.51 -3.81 -12.44
CA LYS C 96 13.87 -3.27 -12.47
C LYS C 96 13.83 -1.82 -12.94
N LEU C 97 13.92 -0.90 -12.00
CA LEU C 97 13.62 0.48 -12.30
C LEU C 97 14.86 1.37 -12.28
N GLY C 98 14.92 2.31 -13.23
CA GLY C 98 15.92 3.36 -13.20
C GLY C 98 15.28 4.71 -12.94
N THR C 99 16.08 5.70 -12.53
CA THR C 99 15.54 7.06 -12.49
C THR C 99 16.67 8.07 -12.49
N VAL C 100 16.32 9.30 -12.81
CA VAL C 100 17.26 10.40 -12.67
C VAL C 100 16.70 11.32 -11.60
N ALA C 101 17.60 11.87 -10.77
CA ALA C 101 17.18 12.65 -9.61
C ALA C 101 18.21 13.71 -9.24
N ILE C 102 17.76 14.91 -8.92
CA ILE C 102 18.61 15.92 -8.28
C ILE C 102 18.82 15.48 -6.81
N PRO C 103 19.76 16.12 -6.08
CA PRO C 103 20.09 15.56 -4.76
C PRO C 103 18.91 15.42 -3.78
N CYS C 104 18.01 16.41 -3.69
CA CYS C 104 16.93 16.29 -2.71
C CYS C 104 15.97 15.15 -3.08
N GLN C 105 15.78 14.91 -4.37
CA GLN C 105 14.96 13.77 -4.78
C GLN C 105 15.66 12.47 -4.45
N THR C 106 16.98 12.43 -4.64
CA THR C 106 17.75 11.26 -4.27
CA THR C 106 17.74 11.24 -4.26
C THR C 106 17.56 10.97 -2.77
N MET C 107 17.46 12.02 -1.97
CA MET C 107 17.26 11.83 -0.52
C MET C 107 15.91 11.20 -0.16
N GLY C 108 14.84 11.68 -0.78
CA GLY C 108 13.56 11.08 -0.56
C GLY C 108 13.54 9.61 -0.96
N ILE C 109 14.18 9.29 -2.09
CA ILE C 109 14.26 7.90 -2.54
C ILE C 109 15.06 7.00 -1.56
N ARG C 110 16.22 7.47 -1.12
CA ARG C 110 17.08 6.65 -0.26
C ARG C 110 16.42 6.51 1.11
N LYS C 111 15.72 7.56 1.55
CA LYS C 111 14.99 7.49 2.81
C LYS C 111 13.90 6.44 2.69
N MET C 112 13.24 6.39 1.54
CA MET C 112 12.18 5.41 1.34
C MET C 112 12.77 3.99 1.38
N GLN C 113 13.95 3.80 0.78
CA GLN C 113 14.49 2.43 0.69
C GLN C 113 14.90 1.93 2.07
N THR C 114 15.45 2.83 2.88
CA THR C 114 15.92 2.45 4.21
C THR C 114 14.75 2.34 5.19
N TYR C 115 13.78 3.24 5.04
CA TYR C 115 12.57 3.27 5.89
C TYR C 115 11.26 3.30 5.09
N PRO C 116 10.87 2.16 4.51
CA PRO C 116 9.68 2.15 3.64
C PRO C 116 8.39 1.97 4.42
N PHE C 117 8.12 2.84 5.39
CA PHE C 117 6.95 2.70 6.24
C PHE C 117 5.68 2.45 5.44
N GLY C 118 5.37 3.33 4.49
CA GLY C 118 4.12 3.19 3.75
C GLY C 118 4.30 2.72 2.31
N VAL C 119 5.49 2.20 2.00
CA VAL C 119 5.84 1.93 0.59
C VAL C 119 6.13 0.44 0.38
N ARG C 120 5.14 -0.25 -0.16
CA ARG C 120 5.15 -1.70 -0.36
C ARG C 120 5.79 -2.09 -1.68
N PHE C 121 6.80 -2.98 -1.65
CA PHE C 121 7.41 -3.59 -2.84
C PHE C 121 7.82 -2.56 -3.91
N LEU C 122 8.59 -1.57 -3.48
CA LEU C 122 9.25 -0.64 -4.39
C LEU C 122 10.76 -0.59 -4.16
N ALA C 123 11.16 -0.58 -2.88
CA ALA C 123 12.56 -0.26 -2.54
C ALA C 123 13.59 -1.12 -3.28
N ASP C 124 13.37 -2.42 -3.34
CA ASP C 124 14.36 -3.30 -3.95
C ASP C 124 14.30 -3.31 -5.48
N LYS C 125 13.29 -2.65 -6.04
CA LYS C 125 13.15 -2.61 -7.49
C LYS C 125 13.97 -1.52 -8.15
N ILE C 126 14.47 -0.58 -7.37
CA ILE C 126 15.31 0.47 -7.91
C ILE C 126 16.70 -0.10 -8.18
N LYS C 127 17.10 -0.17 -9.44
CA LYS C 127 18.37 -0.80 -9.80
C LYS C 127 19.45 0.20 -10.23
N LEU C 128 19.02 1.39 -10.64
CA LEU C 128 19.98 2.42 -11.06
C LEU C 128 19.43 3.79 -10.75
N LEU C 129 20.09 4.49 -9.85
CA LEU C 129 19.68 5.84 -9.49
C LEU C 129 20.76 6.79 -9.97
N VAL C 130 20.50 7.52 -11.06
CA VAL C 130 21.48 8.47 -11.57
C VAL C 130 21.22 9.84 -10.96
N GLY C 131 22.21 10.40 -10.28
CA GLY C 131 22.02 11.69 -9.66
C GLY C 131 22.59 12.79 -10.56
N ILE C 132 21.95 13.95 -10.58
CA ILE C 132 22.55 15.07 -11.32
C ILE C 132 22.82 16.21 -10.35
N TYR C 133 23.88 16.97 -10.60
CA TYR C 133 24.31 18.04 -9.68
C TYR C 133 23.27 19.15 -9.65
N CYS C 134 23.13 19.80 -8.51
CA CYS C 134 22.16 20.89 -8.38
C CYS C 134 22.58 21.93 -7.36
N MET C 135 22.43 23.22 -7.69
CA MET C 135 22.73 24.30 -6.75
C MET C 135 21.45 25.05 -6.31
N GLU C 136 20.42 24.97 -7.13
CA GLU C 136 19.16 25.66 -6.85
C GLU C 136 18.13 25.23 -7.87
N ASN C 137 16.84 25.35 -7.53
CA ASN C 137 15.80 25.19 -8.53
C ASN C 137 14.78 26.35 -8.43
N PHE C 138 14.06 26.60 -9.52
CA PHE C 138 13.22 27.79 -9.68
C PHE C 138 11.74 27.48 -9.90
N PRO C 139 10.85 28.25 -9.24
CA PRO C 139 9.46 28.15 -9.69
C PRO C 139 9.36 28.57 -11.17
N TYR C 140 8.36 28.08 -11.86
CA TYR C 140 8.21 28.36 -13.28
C TYR C 140 8.09 29.87 -13.56
N THR C 141 7.39 30.60 -12.68
CA THR C 141 7.25 32.03 -12.87
C THR C 141 8.59 32.77 -12.79
N SER C 142 9.52 32.25 -11.99
CA SER C 142 10.85 32.84 -11.95
C SER C 142 11.55 32.65 -13.27
N LEU C 143 11.44 31.45 -13.87
CA LEU C 143 12.01 31.29 -15.22
C LEU C 143 11.40 32.28 -16.19
N GLN C 144 10.08 32.48 -16.09
CA GLN C 144 9.43 33.46 -16.95
C GLN C 144 9.97 34.87 -16.73
N THR C 145 10.23 35.25 -15.48
CA THR C 145 10.83 36.56 -15.22
C THR C 145 12.19 36.68 -15.92
N PHE C 146 13.02 35.65 -15.81
CA PHE C 146 14.31 35.67 -16.48
C PHE C 146 14.14 35.83 -17.98
N ILE C 147 13.27 35.00 -18.56
CA ILE C 147 13.21 34.80 -20.02
C ILE C 147 12.27 35.76 -20.74
N CYS C 148 11.06 35.92 -20.18
CA CYS C 148 10.05 36.77 -20.82
C CYS C 148 10.18 38.25 -20.47
N GLU C 149 10.68 38.54 -19.27
CA GLU C 149 10.72 39.93 -18.80
C GLU C 149 12.13 40.48 -18.93
N LYS C 150 13.11 39.90 -18.23
CA LYS C 150 14.46 40.46 -18.29
C LYS C 150 15.10 40.34 -19.67
N LEU C 151 15.00 39.18 -20.30
CA LEU C 151 15.70 38.97 -21.58
C LEU C 151 14.82 39.31 -22.79
N GLY C 152 13.54 39.55 -22.56
CA GLY C 152 12.68 40.04 -23.62
C GLY C 152 12.38 39.08 -24.76
N VAL C 153 12.39 37.77 -24.48
CA VAL C 153 11.86 36.84 -25.47
C VAL C 153 10.65 36.13 -24.83
N SER C 154 10.48 34.84 -25.10
CA SER C 154 9.39 34.07 -24.48
C SER C 154 9.82 32.63 -24.31
N MET C 155 9.03 31.87 -23.58
CA MET C 155 9.42 30.49 -23.27
C MET C 155 9.50 29.68 -24.58
N GLU C 156 8.63 30.01 -25.52
CA GLU C 156 8.55 29.27 -26.77
C GLU C 156 9.78 29.54 -27.66
N LEU C 157 10.41 30.70 -27.51
CA LEU C 157 11.61 31.03 -28.30
C LEU C 157 12.88 30.37 -27.75
N VAL C 158 12.82 29.81 -26.54
CA VAL C 158 14.01 29.17 -25.93
C VAL C 158 14.22 27.75 -26.47
N GLU C 159 15.36 27.52 -27.14
CA GLU C 159 15.71 26.19 -27.64
C GLU C 159 16.51 25.37 -26.63
N LYS C 160 17.24 26.05 -25.76
CA LYS C 160 18.03 25.40 -24.71
C LYS C 160 18.29 26.41 -23.58
N MET C 161 18.32 25.96 -22.34
CA MET C 161 18.79 26.82 -21.24
C MET C 161 19.97 26.14 -20.57
N ASP C 162 20.81 26.93 -19.92
CA ASP C 162 22.05 26.42 -19.31
C ASP C 162 22.49 27.37 -18.21
N ILE C 163 23.22 26.83 -17.24
CA ILE C 163 23.77 27.63 -16.16
C ILE C 163 25.25 27.27 -16.06
N GLY C 164 26.11 28.28 -15.94
CA GLY C 164 27.53 28.04 -15.86
C GLY C 164 28.33 29.29 -16.07
N LYS C 165 29.58 29.26 -15.62
CA LYS C 165 30.50 30.38 -15.76
C LYS C 165 29.87 31.72 -15.32
N GLY C 166 29.12 31.66 -14.22
CA GLY C 166 28.59 32.86 -13.59
C GLY C 166 27.34 33.41 -14.24
N LYS C 167 26.74 32.66 -15.17
CA LYS C 167 25.61 33.18 -15.94
C LYS C 167 24.49 32.17 -16.10
N PHE C 168 23.29 32.70 -16.28
CA PHE C 168 22.13 31.94 -16.79
C PHE C 168 22.09 32.19 -18.29
N TRP C 169 22.00 31.13 -19.09
CA TRP C 169 22.08 31.22 -20.55
C TRP C 169 20.77 30.76 -21.23
N VAL C 170 20.33 31.51 -22.22
CA VAL C 170 19.24 31.02 -23.07
C VAL C 170 19.65 31.07 -24.52
N TYR C 171 19.46 29.95 -25.21
CA TYR C 171 19.74 29.86 -26.63
C TYR C 171 18.42 29.95 -27.42
N THR C 172 18.37 30.87 -28.38
CA THR C 172 17.20 30.96 -29.25
C THR C 172 17.59 30.48 -30.65
N GLN C 173 16.70 30.61 -31.63
CA GLN C 173 17.00 30.03 -32.94
C GLN C 173 18.25 30.65 -33.58
N ASP C 174 18.62 31.86 -33.16
CA ASP C 174 19.82 32.49 -33.72
C ASP C 174 20.57 33.43 -32.76
N ASP C 175 20.35 33.29 -31.45
CA ASP C 175 20.87 34.26 -30.49
C ASP C 175 21.19 33.60 -29.14
N VAL C 176 22.22 34.09 -28.46
CA VAL C 176 22.56 33.60 -27.12
C VAL C 176 22.40 34.75 -26.14
N LEU C 177 21.49 34.60 -25.19
CA LEU C 177 21.19 35.69 -24.24
C LEU C 177 21.58 35.27 -22.83
N THR C 178 22.11 36.20 -22.05
CA THR C 178 22.53 35.82 -20.70
C THR C 178 22.16 36.85 -19.64
N LEU C 179 22.13 36.36 -18.40
CA LEU C 179 21.96 37.16 -17.20
C LEU C 179 23.08 36.75 -16.24
N PRO C 180 23.58 37.70 -15.44
CA PRO C 180 24.50 37.28 -14.36
C PRO C 180 23.76 36.36 -13.40
N LEU C 181 24.39 35.28 -12.97
CA LEU C 181 23.68 34.31 -12.14
C LEU C 181 23.27 34.95 -10.82
N LYS C 182 24.06 35.88 -10.30
CA LYS C 182 23.68 36.52 -9.04
C LYS C 182 22.36 37.27 -9.19
N GLU C 183 22.00 37.60 -10.42
CA GLU C 183 20.73 38.28 -10.66
C GLU C 183 19.54 37.33 -10.41
N THR C 184 19.78 36.03 -10.33
CA THR C 184 18.69 35.09 -10.10
C THR C 184 18.49 34.83 -8.61
N HIS C 185 19.41 35.31 -7.78
CA HIS C 185 19.28 35.19 -6.32
C HIS C 185 17.99 35.78 -5.77
N GLY C 186 17.27 34.99 -4.99
CA GLY C 186 16.01 35.47 -4.44
C GLY C 186 14.84 35.00 -5.28
N TYR C 187 15.11 34.47 -6.48
CA TYR C 187 14.04 33.93 -7.31
C TYR C 187 13.91 32.41 -7.20
N GLU C 188 14.91 31.75 -6.60
CA GLU C 188 14.87 30.30 -6.39
C GLU C 188 13.95 29.93 -5.20
N GLN C 189 13.48 28.68 -5.13
CA GLN C 189 12.61 28.30 -4.01
C GLN C 189 13.40 28.39 -2.69
N ALA C 190 12.76 28.88 -1.63
CA ALA C 190 13.48 29.13 -0.36
C ALA C 190 14.01 27.84 0.26
N GLY C 191 13.41 26.71 -0.08
CA GLY C 191 13.81 25.43 0.49
C GLY C 191 15.24 25.03 0.14
N CYS C 192 15.78 25.61 -0.92
CA CYS C 192 17.14 25.31 -1.35
C CYS C 192 18.19 25.87 -0.40
N LYS C 193 17.79 26.82 0.46
CA LYS C 193 18.74 27.54 1.32
C LYS C 193 19.50 26.63 2.26
N ILE C 194 18.89 25.51 2.66
CA ILE C 194 19.52 24.65 3.67
C ILE C 194 20.03 23.34 3.05
N CYS C 195 20.10 23.31 1.73
CA CYS C 195 20.56 22.11 1.04
C CYS C 195 22.10 22.02 1.05
N LYS C 196 22.64 20.90 1.53
CA LYS C 196 24.10 20.73 1.67
C LYS C 196 24.71 19.89 0.54
N ASP C 197 23.87 19.28 -0.27
CA ASP C 197 24.31 18.25 -1.20
C ASP C 197 24.38 18.83 -2.62
N TYR C 198 25.60 19.01 -3.13
CA TYR C 198 25.79 19.55 -4.46
C TYR C 198 25.88 18.46 -5.53
N VAL C 199 26.68 17.44 -5.27
CA VAL C 199 26.98 16.47 -6.31
C VAL C 199 26.18 15.18 -6.17
N ALA C 200 24.99 15.26 -5.57
CA ALA C 200 24.12 14.09 -5.42
C ALA C 200 24.89 12.94 -4.78
N GLU C 201 25.31 13.15 -3.54
CA GLU C 201 26.21 12.23 -2.84
C GLU C 201 25.66 10.84 -2.61
N LEU C 202 24.33 10.66 -2.68
CA LEU C 202 23.76 9.36 -2.35
C LEU C 202 23.33 8.57 -3.58
N ALA C 203 23.61 9.10 -4.78
CA ALA C 203 23.20 8.43 -6.01
C ALA C 203 24.12 7.25 -6.31
N ASP C 204 23.69 6.35 -7.20
CA ASP C 204 24.59 5.29 -7.65
C ASP C 204 25.77 5.85 -8.46
N VAL C 205 25.45 6.74 -9.40
CA VAL C 205 26.40 7.47 -10.25
C VAL C 205 25.88 8.89 -10.27
N SER C 206 26.78 9.88 -10.16
CA SER C 206 26.35 11.28 -10.17
C SER C 206 27.01 12.03 -11.34
N THR C 207 26.29 12.93 -11.98
CA THR C 207 26.89 13.60 -13.13
C THR C 207 26.41 15.05 -13.26
N GLY C 208 27.27 15.88 -13.85
CA GLY C 208 26.96 17.28 -14.07
C GLY C 208 27.96 17.88 -15.02
N SER C 209 27.83 19.16 -15.31
CA SER C 209 28.73 19.81 -16.27
C SER C 209 29.99 20.32 -15.60
N VAL C 210 29.86 20.74 -14.35
CA VAL C 210 30.96 21.43 -13.68
C VAL C 210 32.22 20.59 -13.58
N GLY C 211 33.34 21.17 -14.01
CA GLY C 211 34.63 20.49 -13.93
C GLY C 211 35.06 19.99 -15.30
N SER C 212 34.09 19.96 -16.22
CA SER C 212 34.33 19.46 -17.58
C SER C 212 34.07 20.56 -18.62
N PRO C 213 34.71 20.44 -19.79
CA PRO C 213 34.46 21.37 -20.90
C PRO C 213 33.10 21.14 -21.53
N ASP C 214 32.69 22.08 -22.38
CA ASP C 214 31.37 22.03 -23.01
C ASP C 214 31.15 20.74 -23.78
N GLY C 215 30.01 20.09 -23.54
CA GLY C 215 29.67 18.87 -24.25
C GLY C 215 30.22 17.65 -23.57
N TRP C 216 30.85 17.85 -22.43
CA TRP C 216 31.38 16.77 -21.61
C TRP C 216 30.80 16.85 -20.21
N SER C 217 30.90 15.76 -19.47
CA SER C 217 30.35 15.69 -18.11
C SER C 217 31.34 15.14 -17.11
N THR C 218 31.26 15.61 -15.87
CA THR C 218 32.04 15.05 -14.77
C THR C 218 31.21 13.96 -14.10
N VAL C 219 31.73 12.74 -14.14
CA VAL C 219 30.97 11.54 -13.73
C VAL C 219 31.61 10.89 -12.52
N ILE C 220 30.84 10.85 -11.44
CA ILE C 220 31.30 10.29 -10.17
C ILE C 220 30.60 8.97 -9.92
N THR C 221 31.32 7.85 -9.96
CA THR C 221 30.69 6.57 -9.63
C THR C 221 30.81 6.34 -8.13
N ARG C 222 29.78 5.76 -7.51
CA ARG C 222 29.75 5.67 -6.06
C ARG C 222 29.46 4.27 -5.53
N THR C 223 28.34 3.67 -5.92
CA THR C 223 27.97 2.36 -5.38
C THR C 223 28.48 1.25 -6.30
N ASP C 224 28.45 0.01 -5.85
CA ASP C 224 28.84 -1.12 -6.72
C ASP C 224 28.01 -1.11 -8.02
N ALA C 225 26.72 -0.86 -7.90
CA ALA C 225 25.83 -0.84 -9.06
C ALA C 225 26.19 0.30 -10.01
N GLY C 226 26.42 1.48 -9.44
CA GLY C 226 26.78 2.63 -10.23
C GLY C 226 28.06 2.46 -11.01
N ASP C 227 29.11 2.05 -10.30
CA ASP C 227 30.40 1.88 -10.92
C ASP C 227 30.36 0.78 -11.98
N SER C 228 29.69 -0.33 -11.66
CA SER C 228 29.75 -1.48 -12.55
C SER C 228 28.93 -1.22 -13.81
N ILE C 229 27.77 -0.58 -13.67
CA ILE C 229 26.95 -0.30 -14.84
C ILE C 229 27.60 0.74 -15.74
N PHE C 230 28.17 1.80 -15.17
CA PHE C 230 28.84 2.80 -15.98
C PHE C 230 30.11 2.22 -16.64
N LYS C 231 30.90 1.44 -15.92
CA LYS C 231 32.08 0.81 -16.50
C LYS C 231 31.70 -0.10 -17.67
N GLN C 232 30.62 -0.86 -17.50
CA GLN C 232 30.07 -1.71 -18.57
C GLN C 232 29.77 -0.94 -19.85
N ALA C 233 29.13 0.24 -19.69
CA ALA C 233 28.75 1.05 -20.84
C ALA C 233 29.98 1.59 -21.56
N VAL C 234 30.99 1.99 -20.79
CA VAL C 234 32.24 2.47 -21.36
C VAL C 234 32.89 1.36 -22.15
N GLU C 235 32.99 0.20 -21.53
CA GLU C 235 33.61 -0.96 -22.17
C GLU C 235 32.86 -1.32 -23.46
N ALA C 236 31.55 -1.05 -23.47
CA ALA C 236 30.76 -1.34 -24.67
C ALA C 236 30.88 -0.21 -25.70
N GLY C 237 31.64 0.83 -25.36
CA GLY C 237 31.96 1.88 -26.31
C GLY C 237 30.85 2.91 -26.44
N LEU C 238 30.00 2.99 -25.44
CA LEU C 238 28.91 3.96 -25.44
C LEU C 238 29.32 5.29 -24.81
N PHE C 239 30.45 5.30 -24.10
CA PHE C 239 31.04 6.54 -23.60
C PHE C 239 32.53 6.61 -23.87
N GLU C 240 33.00 7.82 -24.15
CA GLU C 240 34.42 8.16 -24.19
C GLU C 240 34.73 8.83 -22.84
N THR C 241 35.86 8.46 -22.22
CA THR C 241 36.21 9.05 -20.92
C THR C 241 37.66 9.55 -20.87
N LYS C 242 37.89 10.55 -20.03
CA LYS C 242 39.23 11.06 -19.72
C LYS C 242 39.38 11.17 -18.20
N PRO C 243 40.57 10.85 -17.66
CA PRO C 243 40.82 11.12 -16.23
C PRO C 243 40.51 12.58 -15.91
N ILE C 244 39.81 12.81 -14.80
CA ILE C 244 39.38 14.16 -14.46
C ILE C 244 40.59 15.08 -14.17
N GLU C 245 41.73 14.50 -13.79
CA GLU C 245 42.91 15.32 -13.48
C GLU C 245 43.50 15.94 -14.75
N GLU C 246 43.12 15.40 -15.90
CA GLU C 246 43.69 15.83 -17.18
C GLU C 246 42.79 16.83 -17.90
N VAL C 247 41.70 17.21 -17.25
CA VAL C 247 40.66 18.01 -17.87
C VAL C 247 40.53 19.38 -17.21
N LYS C 248 40.17 20.40 -17.99
CA LYS C 248 39.92 21.75 -17.48
C LYS C 248 38.42 22.06 -17.52
N PRO C 249 37.90 22.81 -16.52
CA PRO C 249 38.59 23.34 -15.34
C PRO C 249 39.04 22.28 -14.33
N GLY C 250 38.36 21.13 -14.33
CA GLY C 250 38.79 20.04 -13.48
C GLY C 250 38.13 20.03 -12.11
N LEU C 251 38.65 19.17 -11.24
CA LEU C 251 38.05 18.88 -9.94
C LEU C 251 38.06 20.05 -8.96
N GLY C 252 39.03 20.95 -9.12
CA GLY C 252 39.15 22.10 -8.23
C GLY C 252 37.91 22.96 -8.22
N LEU C 253 37.30 23.15 -9.38
CA LEU C 253 36.12 24.00 -9.48
C LEU C 253 34.93 23.29 -8.85
N LEU C 254 34.83 21.98 -9.09
CA LEU C 254 33.76 21.18 -8.51
C LEU C 254 33.84 21.23 -6.99
N GLU C 255 35.03 21.01 -6.45
CA GLU C 255 35.20 21.04 -5.01
C GLU C 255 34.92 22.43 -4.43
N LYS C 256 35.25 23.47 -5.18
CA LYS C 256 35.01 24.82 -4.70
C LYS C 256 33.51 25.06 -4.53
N LEU C 257 32.76 24.76 -5.59
CA LEU C 257 31.30 24.97 -5.56
C LEU C 257 30.61 24.10 -4.50
N ALA C 258 31.03 22.84 -4.37
CA ALA C 258 30.47 21.95 -3.36
C ALA C 258 30.71 22.50 -1.93
N ALA C 259 31.89 23.06 -1.71
CA ALA C 259 32.22 23.63 -0.40
C ALA C 259 31.47 24.94 -0.18
N GLN C 260 31.33 25.76 -1.22
CA GLN C 260 30.51 26.97 -1.14
C GLN C 260 29.08 26.60 -0.74
N LYS C 261 28.53 25.56 -1.35
CA LYS C 261 27.12 25.23 -1.10
C LYS C 261 26.96 24.79 0.35
N LYS C 262 27.90 24.00 0.85
CA LYS C 262 27.80 23.49 2.21
C LYS C 262 27.95 24.60 3.24
N GLU C 263 28.88 25.53 3.01
CA GLU C 263 29.06 26.61 3.96
C GLU C 263 27.82 27.49 4.04
N LYS C 264 27.20 27.72 2.88
CA LYS C 264 26.01 28.56 2.81
C LYS C 264 24.85 27.89 3.56
N ALA C 265 24.72 26.60 3.32
CA ALA C 265 23.67 25.82 3.96
C ALA C 265 23.84 25.83 5.47
N GLU C 266 25.06 25.65 5.96
CA GLU C 266 25.25 25.60 7.41
C GLU C 266 24.89 26.95 8.06
N LYS C 267 25.20 28.04 7.38
CA LYS C 267 24.84 29.35 7.87
C LYS C 267 23.32 29.50 7.95
N ASN C 268 22.65 29.03 6.91
CA ASN C 268 21.19 29.14 6.86
C ASN C 268 20.50 28.18 7.83
N ILE C 269 21.06 26.99 8.01
CA ILE C 269 20.56 26.06 9.02
C ILE C 269 20.69 26.65 10.41
N ALA C 270 21.82 27.30 10.68
CA ALA C 270 22.01 27.95 11.97
C ALA C 270 21.03 29.09 12.19
N ALA C 271 20.78 29.86 11.14
CA ALA C 271 19.81 30.95 11.20
C ALA C 271 18.39 30.44 11.55
N ARG C 272 18.00 29.30 10.96
CA ARG C 272 16.71 28.67 11.28
C ARG C 272 16.62 28.32 12.74
N LYS C 273 17.68 27.73 13.26
CA LYS C 273 17.66 27.29 14.66
C LYS C 273 17.60 28.46 15.61
N GLU C 274 18.24 29.58 15.26
CA GLU C 274 18.19 30.77 16.11
C GLU C 274 16.77 31.35 16.14
N MET C 275 16.04 31.19 15.03
CA MET C 275 14.65 31.63 14.96
C MET C 275 13.68 30.66 15.63
N GLY C 276 14.15 29.43 15.87
CA GLY C 276 13.34 28.39 16.49
C GLY C 276 12.47 27.60 15.50
N LEU C 277 12.84 27.67 14.22
CA LEU C 277 12.15 26.94 13.16
C LEU C 277 12.61 25.49 13.07
N PRO C 278 11.68 24.57 12.80
CA PRO C 278 12.05 23.16 12.68
C PRO C 278 13.03 22.92 11.54
N THR C 279 14.05 22.11 11.82
CA THR C 279 15.08 21.84 10.82
C THR C 279 15.57 20.40 10.94
N PRO C 280 15.48 19.62 9.85
CA PRO C 280 15.88 18.21 9.92
C PRO C 280 17.40 18.02 9.84
N PHE C 281 18.15 19.09 9.57
CA PHE C 281 19.61 19.01 9.42
C PHE C 281 20.34 19.67 10.58
FE1 SF4 D . -6.32 -1.51 8.67
FE2 SF4 D . -5.97 0.66 10.13
FE3 SF4 D . -4.89 0.53 7.70
FE4 SF4 D . -3.92 -1.15 9.65
S1 SF4 D . -3.76 1.14 9.62
S2 SF4 D . -4.36 -1.69 7.45
S3 SF4 D . -5.82 -1.46 10.93
S4 SF4 D . -7.15 0.54 8.16
FE1 SF4 E . -3.56 11.55 3.73
FE2 SF4 E . -0.85 11.71 3.73
FE3 SF4 E . -2.10 10.23 1.85
FE4 SF4 E . -2.03 9.39 4.45
S1 SF4 E . -0.25 9.61 3.05
S2 SF4 E . -3.86 9.38 3.04
S3 SF4 E . -2.18 11.40 5.58
S4 SF4 E . -2.27 12.49 2.09
FE1 SF4 F . 6.40 16.48 -0.41
FE2 SF4 F . 7.68 18.85 -0.18
FE3 SF4 F . 9.09 16.66 -1.01
FE4 SF4 F . 8.23 16.89 1.54
S1 SF4 F . 9.79 18.21 0.53
S2 SF4 F . 8.06 15.03 0.24
S3 SF4 F . 6.22 17.97 1.33
S4 SF4 F . 7.35 17.69 -2.13
S1 DTZ G . -5.65 18.68 9.02
ZN DTZ G . -6.64 17.97 6.83
ZN DTZ G . -7.78 18.98 9.27
C4 UNL H . -17.10 -6.48 29.42
C3 UNL H . -16.77 -7.95 29.15
C2 UNL H . -15.31 -8.43 28.85
C1 UNL H . -14.06 -7.65 29.34
S UNL H . -12.52 -8.26 29.07
MG MG I . -27.89 -3.32 19.65
FE NFU J . -14.88 -10.07 4.01
NI NFU J . -12.79 -9.59 5.76
C1 NFU J . -14.54 -11.43 2.82
N1 NFU J . -14.33 -12.30 2.05
C2 NFU J . -16.12 -11.08 4.93
N2 NFU J . -16.89 -11.66 5.56
C3 NFU J . -16.02 -9.29 2.75
O3 NFU J . -16.72 -8.78 1.97
MG MG K . -24.28 -3.29 7.42
MG MG L . -10.88 -16.10 -23.57
CL CL M . -13.43 6.99 -7.41
FE1 SF4 N . 16.84 20.19 -4.28
FE2 SF4 N . 19.03 21.03 -3.05
FE3 SF4 N . 17.28 22.83 -3.97
FE4 SF4 N . 18.73 21.41 -5.75
S1 SF4 N . 19.57 22.94 -4.22
S2 SF4 N . 16.44 21.78 -5.83
S3 SF4 N . 18.99 19.44 -4.69
S4 SF4 N . 16.89 21.33 -2.28
MG MG O . 18.37 20.77 -27.94
CA1 KEN P . 22.04 0.66 -5.45
CB1 KEN P . 19.71 0.38 -4.56
CC1 KEN P . 20.11 2.04 -6.34
NE1 KEN P . 20.55 0.70 -5.78
CA UNL Q . 23.06 24.74 -12.09
C UNL Q . 21.76 24.26 -11.53
O UNL Q . 21.56 24.53 -10.18
CB UNL Q . 23.78 23.68 -12.95
PA FAD R . 20.79 14.39 -20.68
O1A FAD R . 20.61 15.77 -21.24
O2A FAD R . 21.11 13.20 -21.53
O5B FAD R . 19.46 14.04 -19.87
C5B FAD R . 19.09 14.98 -18.86
C4B FAD R . 18.20 14.24 -17.85
O4B FAD R . 17.86 15.13 -16.78
C3B FAD R . 16.92 13.78 -18.51
O3B FAD R . 16.64 12.39 -18.23
C2B FAD R . 15.86 14.66 -17.85
O2B FAD R . 14.62 13.94 -17.69
C1B FAD R . 16.47 15.02 -16.52
N9A FAD R . 15.94 16.31 -16.06
C8A FAD R . 15.93 17.46 -16.76
N7A FAD R . 15.39 18.47 -16.03
C5A FAD R . 15.04 17.93 -14.82
C6A FAD R . 14.39 18.43 -13.59
N6A FAD R . 13.98 19.72 -13.48
N1A FAD R . 14.22 17.55 -12.59
C2A FAD R . 14.58 16.25 -12.69
N3A FAD R . 15.17 15.72 -13.78
C4A FAD R . 15.41 16.52 -14.86
N1 FAD R . 24.72 20.64 -13.31
C2 FAD R . 25.86 21.09 -12.64
O2 FAD R . 26.98 20.77 -13.08
N3 FAD R . 25.70 21.91 -11.53
C4 FAD R . 24.46 22.24 -11.06
O4 FAD R . 24.36 22.96 -10.04
C4X FAD R . 23.41 22.35 -12.04
N5 FAD R . 22.10 22.82 -11.54
C5X FAD R . 21.00 21.92 -11.88
C6 FAD R . 19.75 22.29 -11.36
C7 FAD R . 18.59 21.63 -11.80
C7M FAD R . 17.22 22.02 -11.24
C8 FAD R . 18.72 20.63 -12.76
C8M FAD R . 17.54 19.85 -13.31
C9 FAD R . 19.97 20.25 -13.30
C9A FAD R . 21.12 20.97 -12.92
N10 FAD R . 22.39 20.54 -13.38
C10 FAD R . 23.52 21.28 -13.08
C1' FAD R . 22.61 19.29 -14.12
C2' FAD R . 22.64 19.45 -15.61
O2' FAD R . 22.09 20.60 -16.08
C3' FAD R . 22.35 18.31 -16.27
O3' FAD R . 21.04 17.97 -16.21
C4' FAD R . 23.32 17.15 -16.11
O4' FAD R . 24.68 17.53 -16.39
C5' FAD R . 22.90 15.96 -16.98
O5' FAD R . 23.25 16.22 -18.33
P FAD R . 23.35 15.04 -19.40
O1P FAD R . 24.22 13.96 -18.78
O2P FAD R . 23.76 15.59 -20.74
O3P FAD R . 21.83 14.46 -19.44
#